data_5WFO
#
_entry.id   5WFO
#
_cell.length_a   182.735
_cell.length_b   182.735
_cell.length_c   177.866
_cell.angle_alpha   90.00
_cell.angle_beta   90.00
_cell.angle_gamma   90.00
#
_symmetry.space_group_name_H-M   'I 4 2 2'
#
loop_
_entity.id
_entity.type
_entity.pdbx_description
1 polymer 'GTPase HRas'
2 polymer 'Son of sevenless homolog 1'
3 non-polymer 'MAGNESIUM ION'
4 non-polymer 'PHOSPHOAMINOPHOSPHONIC ACID-GUANYLATE ESTER'
5 non-polymer 6-chloranyl-~{N}-(4-fluorophenyl)-1,2,3,4-tetrahydroacridin-9-amine
6 water water
#
loop_
_entity_poly.entity_id
_entity_poly.type
_entity_poly.pdbx_seq_one_letter_code
_entity_poly.pdbx_strand_id
1 'polypeptide(L)'
;GMTEYKLVVVGAGGVGKSALTIQLIQNHFVDEYDPTIEDSYRKQVVIDGETCLLDILDTAGQEEYSAMRDQYMRTGEGFL
CVFAINNTKSFEDIHQYREQIKRVKDSDDVPMVLVGNKCDLAARTVESRQAQDLARSYGIPYIETSAKTRQGVEDAFYTL
VREIRQH
;
Q,R
2 'polypeptide(L)'
;GQMRLPSADVYRFAEPDSEENIIFEENMQPKAGIPIIKAGTVIKLIERLTYHMYADPNFVRTFLTTYRSFCKPQELLSLI
IERFEIPEPEPTEADRIAIENGDQPLSAELKRFRKEYIQPVQLRVLNVCRHWVEHHFYDFERDAYLLQRMEEFIGTVRGK
AMKKWVESITKIIQRKKIARDNGPGHNITFQSSPPTVEWHISRPGHIETFDLLTLHPIEIARQLTLLESDLYRAVQPSEL
VGSVWTKEDKEINSPNLLKMIRHTTNLTLWFEKCIVETENLEERVAVVSRIIEILQVFQELNNFNGVLEVVSAMNSSPVY
RLDHTFEQIPSRQKKILEEAHELSEDHYKKYLAKLRSINPPCVPFFGIYLTNILKTEEGNPEVLKRHGKELINFSKRRKV
AEITGEIQQYQNQPYCLRVESDIKRFFENLNPMGNSMEKEFTDYLFNKSLEIEPRNPKPLPRFPKKYSYPLKSPGVRPSN
PR
;
N
#
# COMPACT_ATOMS: atom_id res chain seq x y z
N MET A 2 2.56 -2.72 -17.47
CA MET A 2 1.94 -1.41 -17.62
C MET A 2 3.01 -0.31 -17.78
N THR A 3 2.74 0.61 -18.70
CA THR A 3 3.66 1.71 -18.93
C THR A 3 3.43 2.81 -17.92
N GLU A 4 4.50 3.43 -17.48
CA GLU A 4 4.46 4.55 -16.56
C GLU A 4 4.60 5.87 -17.32
N TYR A 5 3.77 6.86 -16.99
CA TYR A 5 3.80 8.17 -17.66
C TYR A 5 4.05 9.28 -16.65
N LYS A 6 5.05 10.11 -16.93
CA LYS A 6 5.36 11.23 -16.07
C LYS A 6 4.63 12.48 -16.53
N LEU A 7 3.54 12.83 -15.86
CA LEU A 7 2.78 14.04 -16.21
C LEU A 7 3.14 15.18 -15.27
N VAL A 8 3.20 16.39 -15.80
CA VAL A 8 3.49 17.56 -14.98
C VAL A 8 2.43 18.64 -15.21
N VAL A 9 1.88 19.17 -14.11
CA VAL A 9 0.86 20.21 -14.22
C VAL A 9 1.46 21.57 -13.88
N VAL A 10 1.42 22.51 -14.84
CA VAL A 10 2.06 23.82 -14.67
C VAL A 10 1.09 24.97 -14.98
N GLY A 11 1.42 26.16 -14.49
CA GLY A 11 0.57 27.31 -14.70
C GLY A 11 0.62 28.28 -13.52
N ALA A 12 0.06 29.47 -13.72
CA ALA A 12 0.12 30.52 -12.70
C ALA A 12 -0.55 30.13 -11.38
N GLY A 13 -0.16 30.78 -10.30
CA GLY A 13 -0.71 30.51 -8.99
C GLY A 13 -2.21 30.68 -8.97
N GLY A 14 -2.90 29.73 -8.35
CA GLY A 14 -4.33 29.83 -8.14
C GLY A 14 -5.24 29.47 -9.30
N VAL A 15 -4.68 28.99 -10.40
CA VAL A 15 -5.53 28.63 -11.55
C VAL A 15 -6.28 27.31 -11.34
N GLY A 16 -5.87 26.53 -10.34
CA GLY A 16 -6.55 25.29 -10.00
C GLY A 16 -5.78 24.02 -10.37
N LYS A 17 -4.46 24.09 -10.40
CA LYS A 17 -3.65 22.93 -10.76
C LYS A 17 -3.84 21.81 -9.75
N SER A 18 -3.79 22.16 -8.47
CA SER A 18 -3.96 21.16 -7.41
C SER A 18 -5.39 20.64 -7.37
N ALA A 19 -6.37 21.53 -7.53
CA ALA A 19 -7.77 21.09 -7.51
C ALA A 19 -8.04 20.11 -8.66
N LEU A 20 -7.49 20.37 -9.84
CA LEU A 20 -7.64 19.45 -10.97
C LEU A 20 -7.05 18.09 -10.62
N THR A 21 -5.86 18.11 -10.06
CA THR A 21 -5.13 16.89 -9.79
C THR A 21 -5.84 16.06 -8.75
N ILE A 22 -6.27 16.71 -7.67
CA ILE A 22 -6.93 16.01 -6.58
C ILE A 22 -8.32 15.50 -6.98
N GLN A 23 -9.01 16.26 -7.84
CA GLN A 23 -10.27 15.80 -8.41
C GLN A 23 -10.05 14.52 -9.22
N LEU A 24 -9.01 14.49 -10.03
CA LEU A 24 -8.66 13.30 -10.79
C LEU A 24 -8.28 12.12 -9.88
N ILE A 25 -7.49 12.38 -8.85
CA ILE A 25 -6.97 11.32 -8.01
C ILE A 25 -8.02 10.79 -7.03
N GLN A 26 -8.73 11.71 -6.39
CA GLN A 26 -9.62 11.35 -5.29
C GLN A 26 -11.12 11.58 -5.53
N ASN A 27 -11.48 12.17 -6.68
CA ASN A 27 -12.87 12.55 -6.97
C ASN A 27 -13.43 13.54 -5.93
N HIS A 28 -12.57 14.44 -5.47
CA HIS A 28 -12.94 15.38 -4.44
C HIS A 28 -12.48 16.79 -4.84
N PHE A 29 -13.33 17.80 -4.62
CA PHE A 29 -12.97 19.19 -4.95
C PHE A 29 -12.40 19.92 -3.73
N VAL A 30 -11.19 20.43 -3.87
CA VAL A 30 -10.56 21.17 -2.79
C VAL A 30 -10.98 22.64 -2.86
N ASP A 31 -11.65 23.12 -1.83
CA ASP A 31 -12.11 24.50 -1.78
C ASP A 31 -11.03 25.47 -1.33
N GLU A 32 -10.14 24.99 -0.46
CA GLU A 32 -9.07 25.81 0.06
C GLU A 32 -8.05 26.12 -1.00
N TYR A 33 -7.33 27.23 -0.81
CA TYR A 33 -6.25 27.64 -1.69
C TYR A 33 -4.97 27.54 -0.87
N ASP A 34 -4.31 26.39 -0.93
CA ASP A 34 -3.05 26.16 -0.23
C ASP A 34 -1.94 26.09 -1.28
N PRO A 35 -1.21 27.19 -1.45
CA PRO A 35 -0.16 27.23 -2.48
C PRO A 35 0.80 26.04 -2.39
N THR A 36 0.93 25.35 -3.51
CA THR A 36 1.78 24.17 -3.62
C THR A 36 3.25 24.55 -3.69
N ILE A 37 4.10 23.68 -3.19
CA ILE A 37 5.53 23.78 -3.43
C ILE A 37 5.91 22.75 -4.50
N GLU A 38 5.76 21.47 -4.18
CA GLU A 38 5.74 20.40 -5.18
C GLU A 38 5.14 19.14 -4.57
N ASP A 39 4.09 18.63 -5.21
CA ASP A 39 3.42 17.42 -4.78
C ASP A 39 3.44 16.38 -5.88
N SER A 40 3.37 15.12 -5.50
CA SER A 40 3.43 14.02 -6.45
C SER A 40 2.28 13.04 -6.16
N TYR A 41 1.62 12.58 -7.22
CA TYR A 41 0.53 11.61 -7.11
C TYR A 41 0.67 10.47 -8.11
N ARG A 42 0.07 9.35 -7.77
CA ARG A 42 0.11 8.17 -8.62
C ARG A 42 -1.29 7.65 -8.86
N LYS A 43 -1.57 7.23 -10.09
CA LYS A 43 -2.89 6.73 -10.46
C LYS A 43 -2.79 5.64 -11.51
N GLN A 44 -3.18 4.43 -11.14
CA GLN A 44 -3.38 3.34 -12.10
C GLN A 44 -4.72 3.51 -12.79
N VAL A 45 -4.72 3.51 -14.12
CA VAL A 45 -5.96 3.74 -14.84
C VAL A 45 -5.88 3.07 -16.21
N VAL A 46 -7.01 2.57 -16.69
CA VAL A 46 -7.05 1.98 -18.03
C VAL A 46 -7.47 3.06 -19.01
N ILE A 47 -6.62 3.30 -20.00
CA ILE A 47 -6.90 4.32 -21.02
C ILE A 47 -6.81 3.66 -22.41
N ASP A 48 -7.87 3.78 -23.19
CA ASP A 48 -7.97 3.11 -24.49
C ASP A 48 -7.60 1.63 -24.38
N GLY A 49 -8.11 0.96 -23.34
CA GLY A 49 -7.90 -0.47 -23.17
C GLY A 49 -6.56 -0.90 -22.62
N GLU A 50 -5.68 0.05 -22.36
CA GLU A 50 -4.36 -0.28 -21.83
C GLU A 50 -4.19 0.27 -20.42
N THR A 51 -3.75 -0.56 -19.50
CA THR A 51 -3.52 -0.10 -18.14
C THR A 51 -2.26 0.77 -18.07
N CYS A 52 -2.42 2.00 -17.55
CA CYS A 52 -1.32 2.97 -17.41
C CYS A 52 -1.07 3.24 -15.92
N LEU A 53 0.17 3.56 -15.56
CA LEU A 53 0.45 4.12 -14.26
C LEU A 53 0.86 5.58 -14.44
N LEU A 54 0.01 6.50 -13.97
CA LEU A 54 0.28 7.92 -14.11
C LEU A 54 1.05 8.45 -12.89
N ASP A 55 2.21 9.06 -13.13
CA ASP A 55 2.89 9.86 -12.11
C ASP A 55 2.63 11.32 -12.36
N ILE A 56 1.93 11.98 -11.45
CA ILE A 56 1.53 13.36 -11.72
C ILE A 56 2.27 14.28 -10.78
N LEU A 57 3.06 15.18 -11.34
CA LEU A 57 3.73 16.21 -10.58
C LEU A 57 2.92 17.50 -10.57
N ASP A 58 2.58 17.95 -9.37
CA ASP A 58 1.78 19.13 -9.16
C ASP A 58 2.73 20.24 -8.71
N THR A 59 2.86 21.30 -9.52
CA THR A 59 3.94 22.27 -9.30
C THR A 59 3.47 23.59 -8.71
N ALA A 60 4.45 24.45 -8.38
CA ALA A 60 4.18 25.74 -7.75
C ALA A 60 3.90 26.81 -8.80
N GLY A 61 2.77 27.48 -8.66
CA GLY A 61 2.46 28.60 -9.52
C GLY A 61 2.95 29.93 -8.98
N GLN A 62 3.15 30.04 -7.66
CA GLN A 62 3.55 31.34 -7.10
C GLN A 62 4.91 31.77 -7.67
N GLU A 63 5.01 33.06 -7.98
CA GLU A 63 6.20 33.59 -8.64
C GLU A 63 7.48 33.38 -7.85
N GLU A 64 7.34 33.37 -6.52
CA GLU A 64 8.48 33.18 -5.64
C GLU A 64 9.16 31.84 -5.88
N TYR A 65 8.49 30.92 -6.55
CA TYR A 65 9.11 29.62 -6.83
C TYR A 65 9.63 29.50 -8.26
N SER A 66 9.62 30.60 -9.02
CA SER A 66 9.88 30.54 -10.46
C SER A 66 11.30 30.11 -10.84
N ALA A 67 12.23 30.14 -9.90
CA ALA A 67 13.61 29.77 -10.21
C ALA A 67 13.83 28.27 -10.06
N MET A 68 12.80 27.52 -9.73
CA MET A 68 12.96 26.09 -9.42
C MET A 68 12.26 25.13 -10.39
N ARG A 69 12.00 25.60 -11.60
CA ARG A 69 11.21 24.84 -12.57
C ARG A 69 11.98 23.89 -13.47
N ASP A 70 13.22 24.23 -13.78
CA ASP A 70 14.03 23.42 -14.66
C ASP A 70 14.07 21.95 -14.20
N GLN A 71 14.23 21.75 -12.90
CA GLN A 71 14.39 20.41 -12.37
C GLN A 71 13.16 19.52 -12.64
N TYR A 72 11.96 20.06 -12.56
CA TYR A 72 10.81 19.18 -12.86
C TYR A 72 10.52 19.11 -14.36
N MET A 73 10.88 20.13 -15.10
CA MET A 73 10.66 20.10 -16.54
C MET A 73 11.57 19.05 -17.19
N ARG A 74 12.72 18.79 -16.60
CA ARG A 74 13.61 17.78 -17.14
C ARG A 74 12.98 16.38 -17.05
N THR A 75 12.29 16.12 -15.95
CA THR A 75 11.77 14.77 -15.70
C THR A 75 10.44 14.52 -16.42
N GLY A 76 9.64 15.56 -16.59
CA GLY A 76 8.32 15.40 -17.16
C GLY A 76 8.32 14.90 -18.60
N GLU A 77 7.39 13.99 -18.90
CA GLU A 77 7.22 13.51 -20.27
C GLU A 77 6.14 14.28 -21.01
N GLY A 78 5.20 14.85 -20.26
CA GLY A 78 4.10 15.60 -20.84
C GLY A 78 3.64 16.66 -19.88
N PHE A 79 3.05 17.73 -20.39
CA PHE A 79 2.70 18.87 -19.55
C PHE A 79 1.28 19.36 -19.80
N LEU A 80 0.54 19.50 -18.70
CA LEU A 80 -0.72 20.21 -18.70
C LEU A 80 -0.46 21.68 -18.40
N CYS A 81 -0.72 22.55 -19.38
CA CYS A 81 -0.49 23.98 -19.18
C CYS A 81 -1.80 24.66 -18.87
N VAL A 82 -1.96 25.00 -17.60
CA VAL A 82 -3.25 25.42 -17.06
C VAL A 82 -3.35 26.93 -16.84
N PHE A 83 -4.43 27.51 -17.32
CA PHE A 83 -4.80 28.87 -16.92
C PHE A 83 -6.25 28.84 -16.47
N ALA A 84 -6.73 29.94 -15.88
CA ALA A 84 -8.12 30.03 -15.46
C ALA A 84 -8.87 30.96 -16.41
N ILE A 85 -10.05 30.55 -16.84
CA ILE A 85 -10.74 31.32 -17.87
C ILE A 85 -11.31 32.63 -17.32
N ASN A 86 -11.24 32.83 -16.02
CA ASN A 86 -11.62 34.11 -15.44
C ASN A 86 -10.42 34.93 -15.00
N ASN A 87 -9.25 34.60 -15.53
CA ASN A 87 -8.03 35.28 -15.15
C ASN A 87 -7.10 35.52 -16.34
N THR A 88 -7.21 36.72 -16.92
CA THR A 88 -6.45 37.03 -18.14
C THR A 88 -4.94 36.91 -17.95
N LYS A 89 -4.45 37.33 -16.80
CA LYS A 89 -3.01 37.29 -16.56
C LYS A 89 -2.50 35.85 -16.58
N SER A 90 -3.26 34.91 -16.04
CA SER A 90 -2.85 33.51 -16.06
C SER A 90 -2.75 33.00 -17.50
N PHE A 91 -3.65 33.47 -18.36
CA PHE A 91 -3.57 33.12 -19.78
C PHE A 91 -2.31 33.70 -20.42
N GLU A 92 -2.00 34.94 -20.10
CA GLU A 92 -0.77 35.55 -20.61
C GLU A 92 0.48 34.85 -20.07
N ASP A 93 0.39 34.25 -18.89
CA ASP A 93 1.53 33.53 -18.31
C ASP A 93 1.85 32.23 -19.03
N ILE A 94 0.88 31.71 -19.79
CA ILE A 94 1.05 30.43 -20.49
C ILE A 94 2.27 30.37 -21.38
N HIS A 95 2.47 31.40 -22.19
CA HIS A 95 3.53 31.31 -23.18
C HIS A 95 4.89 31.24 -22.50
N GLN A 96 5.02 31.80 -21.31
CA GLN A 96 6.27 31.67 -20.56
C GLN A 96 6.56 30.21 -20.16
N TYR A 97 5.55 29.49 -19.72
CA TYR A 97 5.71 28.07 -19.43
C TYR A 97 6.07 27.27 -20.68
N ARG A 98 5.34 27.51 -21.77
CA ARG A 98 5.60 26.86 -23.04
CA ARG A 98 5.63 26.82 -23.03
C ARG A 98 7.06 27.00 -23.47
N GLU A 99 7.55 28.23 -23.40
CA GLU A 99 8.90 28.51 -23.86
C GLU A 99 9.95 27.85 -22.96
N GLN A 100 9.74 27.91 -21.65
CA GLN A 100 10.70 27.32 -20.74
C GLN A 100 10.75 25.82 -20.93
N ILE A 101 9.59 25.19 -21.10
CA ILE A 101 9.56 23.74 -21.30
C ILE A 101 10.35 23.36 -22.56
N LYS A 102 10.09 24.07 -23.64
CA LYS A 102 10.80 23.85 -24.89
C LYS A 102 12.31 24.01 -24.72
N ARG A 103 12.71 25.05 -24.00
N ARG A 103 12.67 25.06 -23.99
CA ARG A 103 14.13 25.29 -23.77
CA ARG A 103 14.07 25.38 -23.68
C ARG A 103 14.75 24.14 -22.98
C ARG A 103 14.75 24.22 -22.96
N VAL A 104 14.16 23.81 -21.84
CA VAL A 104 14.70 22.78 -20.97
C VAL A 104 14.87 21.44 -21.67
N LYS A 105 13.84 21.01 -22.38
CA LYS A 105 13.86 19.71 -23.01
C LYS A 105 14.51 19.80 -24.38
N ASP A 106 14.89 21.02 -24.75
CA ASP A 106 15.47 21.34 -26.06
C ASP A 106 14.70 20.66 -27.18
N SER A 107 13.43 20.98 -27.26
CA SER A 107 12.56 20.33 -28.23
C SER A 107 11.35 21.18 -28.53
N ASP A 108 10.93 21.12 -29.78
CA ASP A 108 9.73 21.78 -30.25
C ASP A 108 8.57 20.79 -30.28
N ASP A 109 8.83 19.57 -29.82
CA ASP A 109 7.87 18.49 -29.96
C ASP A 109 7.47 17.84 -28.62
N VAL A 110 7.22 18.66 -27.61
CA VAL A 110 6.91 18.14 -26.27
C VAL A 110 5.41 17.93 -26.11
N PRO A 111 4.99 16.73 -25.66
CA PRO A 111 3.56 16.49 -25.42
C PRO A 111 2.97 17.51 -24.45
N MET A 112 1.91 18.17 -24.85
CA MET A 112 1.27 19.19 -24.02
C MET A 112 -0.20 19.29 -24.30
N VAL A 113 -0.94 19.73 -23.31
CA VAL A 113 -2.33 20.07 -23.46
C VAL A 113 -2.56 21.43 -22.82
N LEU A 114 -3.29 22.29 -23.52
CA LEU A 114 -3.67 23.59 -22.96
C LEU A 114 -5.00 23.42 -22.24
N VAL A 115 -5.01 23.83 -20.98
CA VAL A 115 -6.20 23.66 -20.15
C VAL A 115 -6.74 24.99 -19.63
N GLY A 116 -8.00 25.28 -19.96
CA GLY A 116 -8.67 26.45 -19.45
C GLY A 116 -9.59 26.02 -18.32
N ASN A 117 -9.14 26.23 -17.08
CA ASN A 117 -9.87 25.75 -15.90
C ASN A 117 -10.88 26.75 -15.34
N LYS A 118 -11.73 26.25 -14.44
CA LYS A 118 -12.80 27.00 -13.78
C LYS A 118 -13.93 27.34 -14.75
N CYS A 119 -14.23 26.41 -15.66
CA CYS A 119 -15.26 26.70 -16.65
C CYS A 119 -16.66 26.62 -16.05
N ASP A 120 -16.76 26.26 -14.78
CA ASP A 120 -18.03 26.30 -14.06
C ASP A 120 -18.44 27.75 -13.75
N LEU A 121 -17.49 28.67 -13.77
CA LEU A 121 -17.77 30.05 -13.43
C LEU A 121 -18.32 30.81 -14.63
N ALA A 122 -19.36 31.63 -14.41
CA ALA A 122 -19.97 32.36 -15.51
C ALA A 122 -19.09 33.52 -15.97
N ALA A 123 -18.39 34.16 -15.04
CA ALA A 123 -17.63 35.37 -15.33
C ALA A 123 -16.34 35.12 -16.11
N ARG A 124 -16.46 34.60 -17.32
CA ARG A 124 -15.32 34.36 -18.19
C ARG A 124 -14.65 35.66 -18.68
N THR A 125 -13.33 35.70 -18.72
CA THR A 125 -12.62 36.85 -19.28
C THR A 125 -11.69 36.44 -20.42
N VAL A 126 -11.43 35.15 -20.55
CA VAL A 126 -10.65 34.63 -21.67
C VAL A 126 -11.58 33.84 -22.58
N GLU A 127 -11.70 34.26 -23.83
CA GLU A 127 -12.63 33.60 -24.73
C GLU A 127 -12.05 32.30 -25.26
N SER A 128 -12.89 31.30 -25.48
CA SER A 128 -12.44 30.01 -25.99
C SER A 128 -11.65 30.16 -27.29
N ARG A 129 -12.11 31.03 -28.18
CA ARG A 129 -11.43 31.25 -29.46
C ARG A 129 -9.99 31.68 -29.28
N GLN A 130 -9.76 32.63 -28.37
CA GLN A 130 -8.42 33.11 -28.11
C GLN A 130 -7.50 31.97 -27.66
N ALA A 131 -7.96 31.17 -26.70
CA ALA A 131 -7.17 30.03 -26.22
C ALA A 131 -6.99 28.97 -27.32
N GLN A 132 -8.04 28.72 -28.09
CA GLN A 132 -7.96 27.75 -29.17
C GLN A 132 -6.92 28.19 -30.20
N ASP A 133 -6.87 29.48 -30.50
CA ASP A 133 -5.89 30.00 -31.45
C ASP A 133 -4.48 29.74 -30.97
N LEU A 134 -4.25 29.96 -29.69
CA LEU A 134 -2.93 29.71 -29.12
C LEU A 134 -2.58 28.24 -29.21
N ALA A 135 -3.54 27.40 -28.86
CA ALA A 135 -3.32 25.96 -28.87
C ALA A 135 -2.93 25.51 -30.27
N ARG A 136 -3.64 26.00 -31.29
CA ARG A 136 -3.32 25.61 -32.66
C ARG A 136 -1.90 26.06 -33.03
N SER A 137 -1.50 27.25 -32.59
CA SER A 137 -0.15 27.73 -32.87
C SER A 137 0.91 26.86 -32.17
N TYR A 138 0.51 26.17 -31.10
CA TYR A 138 1.41 25.23 -30.42
C TYR A 138 1.27 23.81 -30.98
N GLY A 139 0.21 23.56 -31.75
CA GLY A 139 -0.03 22.23 -32.28
C GLY A 139 -0.54 21.25 -31.23
N ILE A 140 -1.32 21.76 -30.27
CA ILE A 140 -1.78 20.96 -29.13
C ILE A 140 -3.28 21.19 -28.92
N PRO A 141 -3.96 20.25 -28.25
CA PRO A 141 -5.39 20.43 -28.01
C PRO A 141 -5.67 21.40 -26.87
N TYR A 142 -6.86 21.96 -26.89
CA TYR A 142 -7.33 22.84 -25.84
C TYR A 142 -8.58 22.23 -25.22
N ILE A 143 -8.57 22.10 -23.90
CA ILE A 143 -9.68 21.49 -23.18
C ILE A 143 -10.06 22.38 -22.00
N GLU A 144 -11.34 22.76 -21.93
CA GLU A 144 -11.81 23.52 -20.78
C GLU A 144 -12.28 22.58 -19.69
N THR A 145 -11.98 22.94 -18.46
CA THR A 145 -12.20 22.04 -17.34
C THR A 145 -12.83 22.73 -16.17
N SER A 146 -13.39 21.93 -15.28
CA SER A 146 -13.76 22.38 -13.96
C SER A 146 -13.37 21.33 -12.95
N ALA A 147 -12.41 21.67 -12.08
CA ALA A 147 -12.06 20.80 -10.98
C ALA A 147 -13.22 20.66 -10.02
N LYS A 148 -14.14 21.62 -10.05
CA LYS A 148 -15.28 21.60 -9.14
C LYS A 148 -16.34 20.59 -9.57
N THR A 149 -16.71 20.60 -10.85
CA THR A 149 -17.78 19.72 -11.35
C THR A 149 -17.27 18.45 -12.02
N ARG A 150 -15.96 18.38 -12.27
CA ARG A 150 -15.28 17.30 -13.03
C ARG A 150 -15.37 17.47 -14.55
N GLN A 151 -16.08 18.48 -15.03
CA GLN A 151 -16.18 18.68 -16.48
C GLN A 151 -14.78 18.71 -17.10
N GLY A 152 -14.54 17.86 -18.09
CA GLY A 152 -13.29 17.87 -18.82
C GLY A 152 -12.04 17.33 -18.14
N VAL A 153 -12.13 17.01 -16.86
CA VAL A 153 -10.92 16.68 -16.12
C VAL A 153 -10.25 15.41 -16.65
N GLU A 154 -11.01 14.34 -16.79
CA GLU A 154 -10.42 13.11 -17.34
C GLU A 154 -9.94 13.33 -18.76
N ASP A 155 -10.71 14.08 -19.54
CA ASP A 155 -10.34 14.36 -20.92
C ASP A 155 -8.99 15.05 -21.01
N ALA A 156 -8.76 16.03 -20.14
CA ALA A 156 -7.51 16.78 -20.18
C ALA A 156 -6.33 15.87 -19.85
N PHE A 157 -6.44 15.12 -18.76
CA PHE A 157 -5.32 14.29 -18.33
C PHE A 157 -5.09 13.14 -19.32
N TYR A 158 -6.17 12.50 -19.77
CA TYR A 158 -5.98 11.29 -20.58
C TYR A 158 -5.60 11.66 -22.02
N THR A 159 -6.02 12.84 -22.47
CA THR A 159 -5.53 13.33 -23.75
C THR A 159 -4.01 13.50 -23.68
N LEU A 160 -3.51 14.06 -22.57
CA LEU A 160 -2.07 14.19 -22.41
C LEU A 160 -1.37 12.84 -22.46
N VAL A 161 -1.94 11.83 -21.79
CA VAL A 161 -1.39 10.48 -21.86
C VAL A 161 -1.30 9.99 -23.31
N ARG A 162 -2.36 10.22 -24.09
CA ARG A 162 -2.38 9.79 -25.49
C ARG A 162 -1.24 10.43 -26.30
N GLU A 163 -0.96 11.68 -26.01
CA GLU A 163 0.11 12.37 -26.71
C GLU A 163 1.48 11.82 -26.35
N ILE A 164 1.66 11.48 -25.08
CA ILE A 164 2.92 10.85 -24.67
C ILE A 164 3.07 9.50 -25.34
N ARG A 165 1.97 8.75 -25.39
CA ARG A 165 1.96 7.40 -25.95
C ARG A 165 2.42 7.38 -27.40
N GLN A 166 1.99 8.38 -28.14
CA GLN A 166 2.31 8.44 -29.57
C GLN A 166 3.55 9.30 -29.87
N HIS A 167 4.19 9.85 -28.84
CA HIS A 167 5.37 10.68 -29.03
C HIS A 167 6.51 9.88 -29.65
N GLY B 1 11.00 -33.12 -14.48
CA GLY B 1 12.36 -32.71 -14.16
C GLY B 1 12.79 -33.25 -12.80
N MET B 2 13.33 -32.39 -11.97
CA MET B 2 13.65 -32.78 -10.61
C MET B 2 12.41 -32.65 -9.74
N THR B 3 12.43 -33.33 -8.60
CA THR B 3 11.32 -33.27 -7.67
C THR B 3 11.23 -31.88 -7.06
N GLU B 4 10.01 -31.36 -6.95
CA GLU B 4 9.77 -30.11 -6.26
C GLU B 4 9.00 -30.40 -4.99
N TYR B 5 9.46 -29.87 -3.86
CA TYR B 5 8.75 -30.06 -2.59
C TYR B 5 8.05 -28.79 -2.16
N LYS B 6 6.76 -28.88 -1.86
CA LYS B 6 6.00 -27.73 -1.36
C LYS B 6 6.03 -27.72 0.15
N LEU B 7 6.85 -26.83 0.70
CA LEU B 7 6.99 -26.74 2.15
C LEU B 7 6.23 -25.54 2.69
N VAL B 8 5.61 -25.69 3.85
CA VAL B 8 4.84 -24.61 4.45
C VAL B 8 5.32 -24.33 5.87
N VAL B 9 5.59 -23.06 6.15
CA VAL B 9 6.04 -22.62 7.46
C VAL B 9 4.85 -22.09 8.23
N VAL B 10 4.63 -22.61 9.43
CA VAL B 10 3.54 -22.13 10.27
C VAL B 10 4.05 -21.84 11.67
N GLY B 11 3.35 -20.99 12.39
CA GLY B 11 3.70 -20.66 13.76
C GLY B 11 3.28 -19.26 14.16
N ALA B 12 3.35 -18.98 15.45
CA ALA B 12 2.94 -17.69 15.99
C ALA B 12 3.66 -16.52 15.34
N GLY B 13 2.96 -15.40 15.21
CA GLY B 13 3.55 -14.19 14.67
C GLY B 13 4.28 -13.35 15.72
N GLY B 14 5.05 -12.36 15.26
CA GLY B 14 5.71 -11.41 16.13
C GLY B 14 6.95 -11.89 16.85
N VAL B 15 7.44 -13.06 16.51
CA VAL B 15 8.54 -13.64 17.25
C VAL B 15 9.63 -14.20 16.32
N GLY B 16 9.85 -13.50 15.21
CA GLY B 16 10.98 -13.80 14.35
C GLY B 16 10.89 -15.02 13.44
N LYS B 17 9.69 -15.58 13.28
CA LYS B 17 9.47 -16.74 12.42
C LYS B 17 10.03 -16.59 11.01
N SER B 18 9.85 -15.41 10.42
CA SER B 18 10.24 -15.16 9.02
C SER B 18 11.75 -15.30 8.75
N ALA B 19 12.56 -15.23 9.80
CA ALA B 19 14.01 -15.27 9.65
C ALA B 19 14.47 -16.62 9.12
N LEU B 20 13.70 -17.66 9.40
CA LEU B 20 14.08 -19.01 9.01
C LEU B 20 14.17 -19.14 7.48
N THR B 21 13.11 -18.77 6.79
CA THR B 21 13.09 -18.92 5.35
C THR B 21 13.96 -17.88 4.67
N ILE B 22 13.94 -16.65 5.19
CA ILE B 22 14.81 -15.60 4.70
C ILE B 22 16.27 -16.06 4.76
N GLN B 23 16.70 -16.63 5.88
CA GLN B 23 18.10 -17.05 6.00
C GLN B 23 18.45 -18.17 5.04
N LEU B 24 17.50 -19.07 4.80
CA LEU B 24 17.70 -20.14 3.84
C LEU B 24 17.88 -19.61 2.43
N ILE B 25 16.90 -18.83 1.98
CA ILE B 25 16.79 -18.41 0.59
C ILE B 25 17.80 -17.33 0.31
N GLN B 26 18.14 -16.57 1.34
CA GLN B 26 19.02 -15.40 1.25
C GLN B 26 20.25 -15.64 0.44
N ASN B 27 20.82 -14.53 -0.03
CA ASN B 27 22.12 -14.51 -0.69
C ASN B 27 23.14 -15.39 0.02
N HIS B 28 23.06 -15.39 1.36
CA HIS B 28 23.81 -16.29 2.25
C HIS B 28 25.08 -15.61 2.77
N PHE B 29 25.63 -14.67 2.02
CA PHE B 29 26.78 -13.92 2.49
C PHE B 29 26.62 -12.44 2.26
N VAL B 30 25.42 -12.04 1.84
CA VAL B 30 25.05 -10.63 1.91
C VAL B 30 23.71 -10.57 2.62
N ASP B 31 23.66 -9.79 3.70
CA ASP B 31 22.44 -9.70 4.49
C ASP B 31 21.48 -8.73 3.83
N GLU B 32 20.63 -9.26 2.95
CA GLU B 32 19.57 -8.47 2.33
C GLU B 32 18.51 -9.38 1.72
N TYR B 33 17.42 -8.77 1.25
CA TYR B 33 16.24 -9.53 0.82
C TYR B 33 15.25 -8.61 0.10
N ASP B 34 14.72 -9.09 -1.02
CA ASP B 34 13.51 -8.48 -1.57
C ASP B 34 12.47 -9.58 -1.76
N PRO B 35 11.50 -9.64 -0.84
CA PRO B 35 10.51 -10.71 -0.90
C PRO B 35 9.58 -10.56 -2.08
N THR B 36 9.57 -9.40 -2.74
CA THR B 36 8.65 -9.21 -3.85
C THR B 36 9.09 -9.90 -5.14
N ILE B 37 10.26 -10.56 -5.13
CA ILE B 37 10.70 -11.28 -6.34
C ILE B 37 10.70 -12.81 -6.17
N GLU B 38 10.43 -13.53 -7.26
CA GLU B 38 10.20 -14.99 -7.21
C GLU B 38 11.41 -15.78 -6.69
N ASP B 39 12.60 -15.25 -6.95
CA ASP B 39 13.85 -15.82 -6.43
C ASP B 39 13.84 -15.95 -4.90
N SER B 40 12.86 -15.31 -4.26
CA SER B 40 12.83 -15.18 -2.81
C SER B 40 12.16 -16.33 -2.05
N TYR B 41 11.58 -17.30 -2.75
CA TYR B 41 10.95 -18.45 -2.07
C TYR B 41 11.06 -19.76 -2.85
N ARG B 42 11.91 -19.77 -3.88
CA ARG B 42 12.25 -20.98 -4.62
C ARG B 42 13.76 -21.20 -4.57
N LYS B 43 14.18 -22.43 -4.29
CA LYS B 43 15.61 -22.70 -4.11
C LYS B 43 16.00 -24.12 -4.47
N GLN B 44 17.03 -24.22 -5.31
CA GLN B 44 17.52 -25.52 -5.75
C GLN B 44 18.61 -25.97 -4.81
N VAL B 45 18.45 -27.17 -4.27
CA VAL B 45 19.38 -27.69 -3.27
C VAL B 45 19.74 -29.15 -3.54
N VAL B 46 20.87 -29.58 -2.99
CA VAL B 46 21.26 -30.98 -3.04
C VAL B 46 21.18 -31.59 -1.65
N ILE B 47 20.32 -32.58 -1.50
CA ILE B 47 20.11 -33.21 -0.22
C ILE B 47 20.39 -34.70 -0.34
N ASP B 48 21.39 -35.16 0.40
CA ASP B 48 21.85 -36.55 0.32
C ASP B 48 22.10 -36.95 -1.13
N GLY B 49 22.75 -36.05 -1.87
CA GLY B 49 23.14 -36.33 -3.23
C GLY B 49 22.03 -36.21 -4.27
N GLU B 50 20.81 -35.95 -3.83
CA GLU B 50 19.71 -35.83 -4.78
C GLU B 50 19.26 -34.38 -4.91
N THR B 51 19.44 -33.81 -6.10
CA THR B 51 19.05 -32.44 -6.35
C THR B 51 17.52 -32.32 -6.36
N CYS B 52 17.02 -31.25 -5.75
CA CYS B 52 15.60 -30.97 -5.77
C CYS B 52 15.31 -29.49 -5.68
N LEU B 53 14.04 -29.15 -5.86
CA LEU B 53 13.61 -27.77 -5.81
C LEU B 53 12.69 -27.56 -4.60
N LEU B 54 13.04 -26.60 -3.76
CA LEU B 54 12.23 -26.26 -2.61
C LEU B 54 11.33 -25.08 -2.92
N ASP B 55 10.03 -25.26 -2.76
CA ASP B 55 9.11 -24.14 -2.84
C ASP B 55 8.58 -23.87 -1.44
N ILE B 56 8.90 -22.71 -0.89
CA ILE B 56 8.55 -22.45 0.49
C ILE B 56 7.47 -21.39 0.61
N LEU B 57 6.37 -21.74 1.27
CA LEU B 57 5.33 -20.79 1.60
C LEU B 57 5.47 -20.35 3.05
N ASP B 58 5.77 -19.08 3.25
CA ASP B 58 5.82 -18.48 4.58
C ASP B 58 4.99 -17.21 4.52
N THR B 59 3.80 -17.26 5.12
CA THR B 59 2.90 -16.13 5.12
C THR B 59 3.06 -15.26 6.38
N ALA B 60 4.25 -15.29 6.97
CA ALA B 60 4.58 -14.45 8.12
C ALA B 60 3.99 -13.04 7.96
N GLY B 61 3.33 -12.55 9.00
CA GLY B 61 2.66 -11.26 8.93
C GLY B 61 1.16 -11.36 8.72
N GLN B 62 0.71 -12.50 8.21
CA GLN B 62 -0.72 -12.74 7.95
C GLN B 62 -1.43 -13.55 9.04
N GLU B 63 -0.83 -13.61 10.22
CA GLU B 63 -1.35 -14.47 11.28
C GLU B 63 -2.79 -14.16 11.71
N GLU B 64 -3.18 -12.88 11.64
N GLU B 64 -3.18 -12.89 11.64
CA GLU B 64 -4.51 -12.49 12.07
CA GLU B 64 -4.52 -12.50 12.08
C GLU B 64 -5.58 -12.97 11.09
C GLU B 64 -5.58 -12.98 11.09
N TYR B 65 -5.18 -13.27 9.85
CA TYR B 65 -6.09 -13.88 8.87
C TYR B 65 -6.25 -15.36 9.22
N SER B 66 -6.87 -15.64 10.37
CA SER B 66 -6.84 -17.01 10.91
C SER B 66 -7.67 -17.98 10.08
N ALA B 67 -8.66 -17.48 9.34
CA ALA B 67 -9.52 -18.37 8.56
C ALA B 67 -8.89 -18.72 7.20
N MET B 68 -7.73 -18.15 6.90
CA MET B 68 -6.98 -18.49 5.70
C MET B 68 -5.95 -19.59 5.92
N ARG B 69 -5.78 -20.00 7.17
CA ARG B 69 -4.79 -21.02 7.49
C ARG B 69 -4.99 -22.33 6.71
N ASP B 70 -6.21 -22.84 6.72
CA ASP B 70 -6.51 -24.04 5.96
C ASP B 70 -6.09 -23.91 4.51
N GLN B 71 -6.48 -22.81 3.88
CA GLN B 71 -6.14 -22.60 2.48
C GLN B 71 -4.63 -22.62 2.25
N TYR B 72 -3.88 -21.93 3.09
CA TYR B 72 -2.44 -21.89 2.94
C TYR B 72 -1.84 -23.28 3.22
N MET B 73 -2.29 -23.93 4.30
CA MET B 73 -1.76 -25.23 4.68
C MET B 73 -2.01 -26.28 3.60
N ARG B 74 -3.17 -26.18 2.96
CA ARG B 74 -3.61 -27.16 1.97
C ARG B 74 -2.57 -27.34 0.87
N THR B 75 -1.86 -26.27 0.57
CA THR B 75 -0.87 -26.27 -0.50
C THR B 75 0.39 -27.11 -0.22
N GLY B 76 0.61 -27.50 1.02
CA GLY B 76 1.90 -28.09 1.38
C GLY B 76 1.94 -29.61 1.50
N GLU B 77 3.11 -30.19 1.27
CA GLU B 77 3.30 -31.61 1.54
C GLU B 77 4.13 -31.83 2.81
N GLY B 78 4.82 -30.78 3.25
CA GLY B 78 5.62 -30.84 4.46
C GLY B 78 5.57 -29.53 5.22
N PHE B 79 5.68 -29.60 6.53
CA PHE B 79 5.42 -28.44 7.37
C PHE B 79 6.51 -28.23 8.39
N LEU B 80 6.96 -26.98 8.51
CA LEU B 80 7.81 -26.56 9.62
C LEU B 80 6.93 -25.82 10.62
N CYS B 81 6.80 -26.38 11.80
CA CYS B 81 6.04 -25.78 12.89
C CYS B 81 7.00 -25.03 13.83
N VAL B 82 6.93 -23.71 13.80
CA VAL B 82 7.94 -22.86 14.40
C VAL B 82 7.44 -22.15 15.65
N PHE B 83 8.21 -22.23 16.73
CA PHE B 83 7.93 -21.44 17.92
C PHE B 83 9.23 -20.70 18.30
N ALA B 84 9.10 -19.67 19.12
CA ALA B 84 10.28 -18.94 19.60
C ALA B 84 10.63 -19.47 20.97
N ILE B 85 11.93 -19.71 21.19
CA ILE B 85 12.33 -20.36 22.43
C ILE B 85 12.22 -19.39 23.62
N ASN B 86 11.98 -18.11 23.35
CA ASN B 86 11.73 -17.17 24.45
C ASN B 86 10.27 -16.72 24.54
N ASN B 87 9.37 -17.49 23.94
CA ASN B 87 7.95 -17.16 23.99
C ASN B 87 7.13 -18.43 24.21
N THR B 88 6.75 -18.65 25.46
CA THR B 88 6.10 -19.90 25.84
C THR B 88 4.77 -20.06 25.14
N LYS B 89 4.05 -18.96 24.95
CA LYS B 89 2.77 -19.04 24.26
C LYS B 89 2.94 -19.65 22.86
N SER B 90 3.95 -19.20 22.11
CA SER B 90 4.18 -19.72 20.75
C SER B 90 4.42 -21.23 20.79
N PHE B 91 5.09 -21.69 21.86
CA PHE B 91 5.34 -23.11 22.04
C PHE B 91 4.02 -23.85 22.31
N GLU B 92 3.19 -23.27 23.16
CA GLU B 92 1.90 -23.87 23.49
C GLU B 92 0.95 -23.89 22.31
N ASP B 93 1.15 -22.98 21.36
CA ASP B 93 0.37 -22.93 20.13
C ASP B 93 0.60 -24.13 19.23
N ILE B 94 1.73 -24.81 19.38
CA ILE B 94 2.14 -25.84 18.43
C ILE B 94 1.10 -26.95 18.30
N HIS B 95 0.60 -27.43 19.43
CA HIS B 95 -0.39 -28.49 19.40
C HIS B 95 -1.55 -28.21 18.44
N GLN B 96 -2.12 -27.01 18.51
CA GLN B 96 -3.25 -26.66 17.63
C GLN B 96 -2.83 -26.55 16.16
N TYR B 97 -1.63 -26.03 15.90
CA TYR B 97 -1.12 -26.01 14.53
C TYR B 97 -1.03 -27.43 13.96
N ARG B 98 -0.51 -28.34 14.78
CA ARG B 98 -0.33 -29.71 14.33
C ARG B 98 -1.69 -30.36 14.06
N GLU B 99 -2.63 -30.14 14.97
CA GLU B 99 -3.98 -30.66 14.82
C GLU B 99 -4.64 -30.13 13.57
N GLN B 100 -4.41 -28.85 13.30
CA GLN B 100 -5.01 -28.22 12.14
C GLN B 100 -4.42 -28.75 10.83
N ILE B 101 -3.11 -28.99 10.82
CA ILE B 101 -2.45 -29.57 9.66
C ILE B 101 -3.00 -30.98 9.36
N LYS B 102 -3.13 -31.79 10.40
CA LYS B 102 -3.63 -33.16 10.27
C LYS B 102 -5.05 -33.17 9.70
N ARG B 103 -5.87 -32.24 10.17
CA ARG B 103 -7.22 -32.09 9.67
C ARG B 103 -7.25 -31.66 8.19
N VAL B 104 -6.49 -30.63 7.84
CA VAL B 104 -6.45 -30.15 6.45
C VAL B 104 -5.92 -31.19 5.47
N LYS B 105 -4.93 -31.95 5.90
CA LYS B 105 -4.34 -32.97 5.04
C LYS B 105 -5.12 -34.29 5.14
N ASP B 106 -6.09 -34.35 6.04
CA ASP B 106 -6.84 -35.57 6.36
C ASP B 106 -5.89 -36.77 6.55
N SER B 107 -4.95 -36.63 7.48
CA SER B 107 -3.98 -37.67 7.73
C SER B 107 -3.36 -37.53 9.12
N ASP B 108 -3.08 -38.67 9.74
CA ASP B 108 -2.45 -38.71 11.06
C ASP B 108 -0.95 -38.61 10.96
N ASP B 109 -0.44 -38.75 9.74
CA ASP B 109 1.00 -38.86 9.54
C ASP B 109 1.49 -37.90 8.46
N VAL B 110 1.51 -36.61 8.78
CA VAL B 110 1.95 -35.60 7.84
C VAL B 110 3.41 -35.28 8.10
N PRO B 111 4.25 -35.28 7.04
CA PRO B 111 5.65 -34.91 7.23
C PRO B 111 5.76 -33.54 7.88
N MET B 112 6.39 -33.47 9.05
CA MET B 112 6.58 -32.17 9.68
C MET B 112 7.75 -32.19 10.64
N VAL B 113 8.30 -31.02 10.89
CA VAL B 113 9.37 -30.88 11.85
C VAL B 113 9.00 -29.78 12.85
N LEU B 114 9.43 -29.94 14.08
CA LEU B 114 9.22 -28.91 15.09
C LEU B 114 10.49 -28.06 15.11
N VAL B 115 10.34 -26.74 15.03
CA VAL B 115 11.51 -25.86 15.01
C VAL B 115 11.45 -24.86 16.15
N GLY B 116 12.46 -24.87 17.01
CA GLY B 116 12.60 -23.88 18.05
C GLY B 116 13.55 -22.79 17.57
N ASN B 117 13.05 -21.58 17.44
CA ASN B 117 13.79 -20.49 16.83
C ASN B 117 14.26 -19.48 17.89
N LYS B 118 15.55 -19.17 17.90
CA LYS B 118 16.11 -18.16 18.80
C LYS B 118 16.16 -16.81 18.08
N CYS B 119 15.17 -15.95 18.34
CA CYS B 119 14.99 -14.75 17.51
C CYS B 119 15.68 -13.53 18.10
N ASP B 120 16.02 -13.59 19.38
CA ASP B 120 16.84 -12.53 19.96
C ASP B 120 17.64 -13.02 21.18
N LEU B 121 18.17 -12.06 21.93
CA LEU B 121 19.05 -12.38 23.06
C LEU B 121 18.30 -12.35 24.39
N ALA B 122 16.99 -12.14 24.32
CA ALA B 122 16.15 -12.23 25.52
C ALA B 122 16.22 -13.62 26.12
N ALA B 123 15.83 -13.74 27.38
CA ALA B 123 15.96 -14.99 28.13
C ALA B 123 15.14 -16.10 27.50
N ARG B 124 15.75 -17.25 27.31
CA ARG B 124 15.03 -18.44 26.88
C ARG B 124 14.00 -18.85 27.93
N THR B 125 12.79 -19.21 27.50
CA THR B 125 11.78 -19.69 28.45
C THR B 125 11.30 -21.09 28.14
N VAL B 126 11.63 -21.60 26.96
CA VAL B 126 11.33 -22.99 26.61
C VAL B 126 12.65 -23.75 26.53
N GLU B 127 12.87 -24.69 27.43
CA GLU B 127 14.08 -25.48 27.42
C GLU B 127 14.05 -26.51 26.29
N SER B 128 15.21 -26.83 25.76
CA SER B 128 15.30 -27.77 24.66
C SER B 128 14.72 -29.12 25.05
N ARG B 129 14.89 -29.52 26.31
CA ARG B 129 14.32 -30.80 26.74
C ARG B 129 12.80 -30.80 26.64
N GLN B 130 12.16 -29.69 27.01
CA GLN B 130 10.69 -29.59 26.85
C GLN B 130 10.30 -29.81 25.40
N ALA B 131 11.02 -29.14 24.51
CA ALA B 131 10.68 -29.21 23.10
C ALA B 131 10.99 -30.59 22.52
N GLN B 132 12.09 -31.20 22.97
CA GLN B 132 12.40 -32.58 22.56
C GLN B 132 11.29 -33.54 22.98
N ASP B 133 10.88 -33.45 24.24
CA ASP B 133 9.82 -34.31 24.76
C ASP B 133 8.56 -34.16 23.91
N LEU B 134 8.19 -32.92 23.58
CA LEU B 134 6.99 -32.68 22.78
C LEU B 134 7.12 -33.29 21.38
N ALA B 135 8.24 -33.04 20.72
CA ALA B 135 8.49 -33.61 19.41
C ALA B 135 8.46 -35.14 19.45
N ARG B 136 9.04 -35.72 20.49
CA ARG B 136 9.04 -37.18 20.61
C ARG B 136 7.61 -37.69 20.78
N SER B 137 6.80 -36.99 21.58
CA SER B 137 5.42 -37.41 21.79
C SER B 137 4.64 -37.40 20.47
N TYR B 138 5.04 -36.56 19.53
CA TYR B 138 4.43 -36.50 18.20
C TYR B 138 5.10 -37.40 17.17
N GLY B 139 6.27 -37.91 17.50
CA GLY B 139 7.04 -38.71 16.55
C GLY B 139 7.63 -37.90 15.41
N ILE B 140 8.05 -36.66 15.70
CA ILE B 140 8.67 -35.82 14.67
C ILE B 140 10.03 -35.30 15.15
N PRO B 141 10.91 -34.93 14.19
CA PRO B 141 12.20 -34.33 14.57
C PRO B 141 12.07 -32.94 15.20
N TYR B 142 13.03 -32.60 16.03
CA TYR B 142 13.14 -31.25 16.59
C TYR B 142 14.44 -30.62 16.15
N ILE B 143 14.37 -29.40 15.63
CA ILE B 143 15.57 -28.64 15.25
C ILE B 143 15.54 -27.26 15.91
N GLU B 144 16.65 -26.84 16.51
CA GLU B 144 16.77 -25.46 16.98
C GLU B 144 17.59 -24.63 16.02
N THR B 145 17.14 -23.40 15.82
CA THR B 145 17.73 -22.48 14.85
C THR B 145 17.99 -21.11 15.47
N SER B 146 18.98 -20.40 14.95
CA SER B 146 19.20 -19.01 15.33
C SER B 146 18.69 -18.09 14.23
N ALA B 147 17.99 -17.02 14.60
CA ALA B 147 17.47 -16.09 13.60
C ALA B 147 18.56 -15.14 13.11
N LYS B 148 19.77 -15.27 13.66
CA LYS B 148 20.83 -14.32 13.39
C LYS B 148 22.08 -14.91 12.77
N THR B 149 22.44 -16.14 13.15
CA THR B 149 23.68 -16.74 12.71
C THR B 149 23.52 -17.78 11.60
N ARG B 150 22.27 -18.05 11.23
CA ARG B 150 21.90 -19.07 10.26
C ARG B 150 22.12 -20.51 10.78
N GLN B 151 22.56 -20.65 12.01
CA GLN B 151 22.72 -22.00 12.58
C GLN B 151 21.40 -22.75 12.60
N GLY B 152 21.44 -24.01 12.18
CA GLY B 152 20.28 -24.87 12.23
C GLY B 152 19.31 -24.72 11.07
N VAL B 153 19.48 -23.68 10.27
CA VAL B 153 18.51 -23.39 9.23
C VAL B 153 18.49 -24.48 8.15
N GLU B 154 19.64 -24.82 7.57
CA GLU B 154 19.63 -25.89 6.56
C GLU B 154 19.13 -27.20 7.14
N ASP B 155 19.55 -27.48 8.36
CA ASP B 155 19.14 -28.71 9.06
C ASP B 155 17.61 -28.79 9.14
N ALA B 156 16.95 -27.67 9.45
CA ALA B 156 15.49 -27.70 9.60
C ALA B 156 14.83 -28.09 8.29
N PHE B 157 15.23 -27.43 7.21
CA PHE B 157 14.62 -27.68 5.92
C PHE B 157 15.01 -29.04 5.35
N TYR B 158 16.29 -29.39 5.45
CA TYR B 158 16.73 -30.68 4.90
C TYR B 158 16.10 -31.83 5.67
N THR B 159 15.98 -31.68 6.97
CA THR B 159 15.36 -32.72 7.79
C THR B 159 13.91 -32.93 7.35
N LEU B 160 13.20 -31.84 7.06
CA LEU B 160 11.82 -31.97 6.59
C LEU B 160 11.75 -32.69 5.24
N VAL B 161 12.68 -32.38 4.34
CA VAL B 161 12.70 -33.03 3.04
C VAL B 161 12.95 -34.53 3.23
N ARG B 162 13.80 -34.90 4.20
CA ARG B 162 14.00 -36.33 4.49
C ARG B 162 12.73 -36.97 5.03
N GLU B 163 11.97 -36.24 5.85
CA GLU B 163 10.69 -36.74 6.36
C GLU B 163 9.72 -37.00 5.21
N ILE B 164 9.72 -36.12 4.21
CA ILE B 164 8.87 -36.31 3.05
C ILE B 164 9.34 -37.52 2.22
N ARG B 165 10.64 -37.59 1.96
CA ARG B 165 11.19 -38.69 1.17
C ARG B 165 10.96 -40.05 1.82
N GLN B 166 10.97 -40.09 3.15
CA GLN B 166 10.81 -41.34 3.88
C GLN B 166 9.41 -41.57 4.40
N HIS B 167 8.44 -40.80 3.91
CA HIS B 167 7.08 -40.97 4.36
C HIS B 167 6.53 -42.33 3.94
N GLN C 2 30.31 26.83 -10.08
CA GLN C 2 29.56 26.23 -8.98
C GLN C 2 29.57 27.14 -7.76
N MET C 3 28.44 27.23 -7.07
CA MET C 3 28.34 28.12 -5.92
C MET C 3 29.22 27.64 -4.79
N ARG C 4 29.92 28.57 -4.16
CA ARG C 4 30.60 28.27 -2.91
C ARG C 4 29.58 28.09 -1.78
N LEU C 5 29.96 27.34 -0.75
CA LEU C 5 29.06 26.99 0.35
C LEU C 5 29.54 27.58 1.66
N PRO C 6 28.65 27.65 2.66
CA PRO C 6 29.17 28.03 3.98
C PRO C 6 30.19 27.01 4.45
N SER C 7 31.07 27.42 5.37
CA SER C 7 31.98 26.47 6.01
C SER C 7 31.20 25.34 6.70
N ALA C 8 31.70 24.12 6.57
CA ALA C 8 31.04 22.96 7.17
C ALA C 8 31.09 23.03 8.69
N ASP C 9 31.95 23.91 9.20
CA ASP C 9 32.04 24.15 10.63
C ASP C 9 30.88 24.98 11.17
N VAL C 10 30.28 25.82 10.32
CA VAL C 10 29.14 26.62 10.78
C VAL C 10 27.82 26.08 10.23
N TYR C 11 27.89 25.28 9.17
CA TYR C 11 26.71 24.71 8.55
C TYR C 11 27.01 23.28 8.11
N ARG C 12 26.54 22.31 8.90
CA ARG C 12 26.91 20.91 8.74
C ARG C 12 26.55 20.29 7.39
N PHE C 13 25.51 20.83 6.74
CA PHE C 13 25.03 20.24 5.51
C PHE C 13 25.87 20.65 4.30
N ALA C 14 26.99 21.32 4.54
CA ALA C 14 27.91 21.68 3.46
C ALA C 14 29.12 20.74 3.41
N GLU C 15 29.16 19.72 4.27
CA GLU C 15 30.20 18.70 4.17
C GLU C 15 30.17 18.05 2.79
N PRO C 16 31.34 17.79 2.22
CA PRO C 16 31.34 17.11 0.92
C PRO C 16 30.81 15.67 1.01
N ASP C 17 30.10 15.24 -0.04
CA ASP C 17 29.76 13.84 -0.17
C ASP C 17 31.01 13.00 -0.12
N SER C 18 30.96 11.90 0.61
CA SER C 18 32.00 10.88 0.49
C SER C 18 31.40 9.53 0.82
N GLU C 19 32.12 8.46 0.51
CA GLU C 19 31.63 7.12 0.83
C GLU C 19 31.49 6.90 2.34
N GLU C 20 32.12 7.76 3.13
CA GLU C 20 31.95 7.71 4.57
C GLU C 20 30.65 8.34 5.08
N ASN C 21 29.92 9.07 4.23
CA ASN C 21 28.65 9.63 4.66
C ASN C 21 27.48 9.44 3.71
N ILE C 22 27.74 9.01 2.48
CA ILE C 22 26.63 8.73 1.56
C ILE C 22 27.05 7.74 0.48
N ILE C 23 26.16 6.79 0.22
CA ILE C 23 26.37 5.81 -0.85
C ILE C 23 25.17 5.79 -1.79
N PHE C 24 25.44 5.93 -3.09
CA PHE C 24 24.38 5.95 -4.08
C PHE C 24 24.23 4.59 -4.74
N GLU C 25 23.03 4.29 -5.23
CA GLU C 25 22.81 3.11 -6.04
C GLU C 25 23.48 3.32 -7.40
N GLU C 26 23.79 2.23 -8.10
CA GLU C 26 24.30 2.33 -9.46
C GLU C 26 23.15 2.48 -10.45
N GLY C 33 16.23 12.09 -13.78
CA GLY C 33 17.64 11.76 -13.76
C GLY C 33 18.30 12.28 -12.49
N ILE C 34 17.85 11.76 -11.35
CA ILE C 34 18.45 12.14 -10.07
C ILE C 34 18.99 10.89 -9.38
N PRO C 35 20.01 11.06 -8.52
CA PRO C 35 20.59 9.90 -7.83
C PRO C 35 19.61 9.20 -6.90
N ILE C 36 19.84 7.91 -6.71
CA ILE C 36 19.08 7.11 -5.77
C ILE C 36 20.00 6.71 -4.63
N ILE C 37 19.59 7.00 -3.40
CA ILE C 37 20.47 6.81 -2.26
C ILE C 37 20.33 5.43 -1.68
N LYS C 38 21.45 4.73 -1.56
CA LYS C 38 21.47 3.42 -0.94
C LYS C 38 21.59 3.55 0.57
N ALA C 39 22.47 4.43 1.02
CA ALA C 39 22.73 4.62 2.44
C ALA C 39 23.31 5.98 2.72
N GLY C 40 23.20 6.43 3.97
CA GLY C 40 23.84 7.67 4.37
C GLY C 40 23.65 8.00 5.83
N THR C 41 24.39 9.00 6.30
CA THR C 41 24.15 9.53 7.62
C THR C 41 22.84 10.29 7.60
N VAL C 42 22.24 10.54 8.77
CA VAL C 42 21.01 11.33 8.85
C VAL C 42 21.20 12.69 8.24
N ILE C 43 22.36 13.29 8.49
CA ILE C 43 22.65 14.62 7.92
C ILE C 43 22.58 14.61 6.39
N LYS C 44 23.19 13.60 5.79
CA LYS C 44 23.19 13.50 4.34
C LYS C 44 21.79 13.17 3.79
N LEU C 45 21.04 12.34 4.50
CA LEU C 45 19.67 12.06 4.07
C LEU C 45 18.83 13.33 4.07
N ILE C 46 18.97 14.13 5.11
CA ILE C 46 18.20 15.37 5.19
C ILE C 46 18.67 16.40 4.14
N GLU C 47 19.96 16.46 3.90
CA GLU C 47 20.49 17.33 2.84
C GLU C 47 19.84 16.99 1.50
N ARG C 48 19.80 15.71 1.16
CA ARG C 48 19.25 15.28 -0.11
C ARG C 48 17.72 15.37 -0.13
N LEU C 49 17.11 15.25 1.04
CA LEU C 49 15.67 15.43 1.19
C LEU C 49 15.25 16.85 0.81
N THR C 50 16.20 17.78 0.93
CA THR C 50 15.92 19.18 0.75
C THR C 50 16.94 19.82 -0.18
N TYR C 51 17.31 19.10 -1.24
CA TYR C 51 18.47 19.44 -2.06
C TYR C 51 18.24 20.69 -2.91
N HIS C 52 19.27 21.50 -3.09
CA HIS C 52 19.07 22.75 -3.81
C HIS C 52 18.90 22.53 -5.32
N MET C 53 19.41 21.41 -5.83
CA MET C 53 19.45 21.19 -7.28
C MET C 53 18.14 20.64 -7.85
N TYR C 54 17.38 19.91 -7.03
CA TYR C 54 16.19 19.26 -7.54
C TYR C 54 15.20 18.92 -6.43
N ALA C 55 13.94 18.77 -6.80
CA ALA C 55 12.93 18.33 -5.84
C ALA C 55 12.79 16.82 -5.97
N ASP C 56 12.39 16.17 -4.90
CA ASP C 56 12.18 14.73 -4.97
C ASP C 56 11.01 14.37 -4.09
N PRO C 57 9.78 14.68 -4.55
CA PRO C 57 8.58 14.54 -3.71
C PRO C 57 8.38 13.12 -3.23
N ASN C 58 8.79 12.16 -4.05
CA ASN C 58 8.64 10.77 -3.64
C ASN C 58 9.61 10.42 -2.53
N PHE C 59 10.82 10.99 -2.57
CA PHE C 59 11.76 10.89 -1.45
C PHE C 59 11.13 11.49 -0.18
N VAL C 60 10.47 12.63 -0.31
CA VAL C 60 9.80 13.24 0.84
C VAL C 60 8.77 12.26 1.45
N ARG C 61 7.93 11.64 0.62
CA ARG C 61 6.98 10.65 1.14
C ARG C 61 7.70 9.46 1.79
N THR C 62 8.68 8.91 1.08
CA THR C 62 9.43 7.77 1.59
C THR C 62 10.07 8.08 2.95
N PHE C 63 10.76 9.21 3.02
CA PHE C 63 11.42 9.63 4.24
C PHE C 63 10.42 9.82 5.37
N LEU C 64 9.39 10.62 5.15
CA LEU C 64 8.40 10.88 6.21
C LEU C 64 7.63 9.62 6.64
N THR C 65 7.50 8.66 5.73
CA THR C 65 6.82 7.41 6.11
C THR C 65 7.69 6.54 7.02
N THR C 66 9.00 6.56 6.81
CA THR C 66 9.90 5.56 7.39
C THR C 66 10.95 6.04 8.37
N TYR C 67 11.08 7.35 8.57
CA TYR C 67 12.25 7.88 9.29
C TYR C 67 12.31 7.47 10.76
N ARG C 68 11.18 7.10 11.35
CA ARG C 68 11.14 6.91 12.78
C ARG C 68 12.00 5.71 13.20
N SER C 69 12.33 4.84 12.23
CA SER C 69 13.24 3.72 12.49
C SER C 69 14.70 4.14 12.63
N PHE C 70 15.04 5.40 12.33
CA PHE C 70 16.41 5.85 12.51
C PHE C 70 16.57 7.26 13.11
N CYS C 71 15.46 7.96 13.30
CA CYS C 71 15.49 9.32 13.83
C CYS C 71 14.19 9.59 14.58
N LYS C 72 14.28 10.18 15.77
CA LYS C 72 13.08 10.54 16.52
C LYS C 72 12.44 11.77 15.93
N PRO C 73 11.11 11.87 16.03
CA PRO C 73 10.40 13.06 15.51
C PRO C 73 10.98 14.39 16.03
N GLN C 74 11.28 14.46 17.31
CA GLN C 74 11.83 15.68 17.88
C GLN C 74 13.19 16.04 17.27
N GLU C 75 14.01 15.03 16.99
CA GLU C 75 15.31 15.27 16.39
C GLU C 75 15.19 15.64 14.91
N LEU C 76 14.24 15.04 14.21
CA LEU C 76 14.00 15.39 12.82
C LEU C 76 13.68 16.88 12.71
N LEU C 77 12.77 17.35 13.57
CA LEU C 77 12.43 18.76 13.56
C LEU C 77 13.66 19.65 13.81
N SER C 78 14.46 19.30 14.81
CA SER C 78 15.69 20.06 15.09
C SER C 78 16.61 20.10 13.86
N LEU C 79 16.75 18.98 13.18
CA LEU C 79 17.63 18.90 12.05
C LEU C 79 17.12 19.69 10.84
N ILE C 80 15.81 19.71 10.61
CA ILE C 80 15.37 20.48 9.43
C ILE C 80 15.34 21.97 9.73
N ILE C 81 15.16 22.36 10.99
CA ILE C 81 15.29 23.76 11.37
C ILE C 81 16.77 24.19 11.19
N GLU C 82 17.68 23.31 11.57
CA GLU C 82 19.10 23.55 11.34
C GLU C 82 19.39 23.73 9.84
N ARG C 83 18.82 22.85 9.03
CA ARG C 83 18.92 22.92 7.56
C ARG C 83 18.42 24.25 7.02
N PHE C 84 17.33 24.73 7.56
CA PHE C 84 16.69 25.97 7.11
C PHE C 84 17.56 27.20 7.37
N GLU C 85 18.34 27.17 8.45
CA GLU C 85 19.07 28.35 8.90
C GLU C 85 20.44 28.46 8.21
N ILE C 86 20.41 28.97 6.98
CA ILE C 86 21.60 28.97 6.12
C ILE C 86 22.27 30.34 6.17
N PRO C 87 23.56 30.37 6.51
CA PRO C 87 24.29 31.64 6.52
C PRO C 87 24.53 32.19 5.11
N GLU C 88 24.45 33.51 4.99
CA GLU C 88 24.70 34.18 3.73
C GLU C 88 26.18 34.50 3.62
N PRO C 89 26.73 34.44 2.41
CA PRO C 89 28.16 34.74 2.26
C PRO C 89 28.44 36.23 2.44
N GLU C 90 29.68 36.55 2.78
CA GLU C 90 30.13 37.93 2.91
C GLU C 90 30.35 38.56 1.55
N PRO C 91 30.39 39.90 1.48
CA PRO C 91 30.64 40.55 0.18
C PRO C 91 31.96 40.11 -0.41
N THR C 92 32.03 40.03 -1.73
CA THR C 92 33.25 39.65 -2.42
C THR C 92 34.15 40.86 -2.64
N GLU C 93 35.35 40.61 -3.15
CA GLU C 93 36.32 41.67 -3.44
C GLU C 93 35.69 42.78 -4.31
N ALA C 94 34.99 42.40 -5.38
CA ALA C 94 34.35 43.40 -6.24
C ALA C 94 33.29 44.22 -5.51
N ASP C 95 32.52 43.56 -4.66
CA ASP C 95 31.56 44.23 -3.79
C ASP C 95 32.23 45.21 -2.84
N ARG C 96 33.31 44.74 -2.22
CA ARG C 96 34.11 45.53 -1.30
C ARG C 96 34.59 46.83 -1.95
N ILE C 97 35.13 46.70 -3.15
CA ILE C 97 35.67 47.84 -3.89
C ILE C 97 34.56 48.84 -4.27
N ALA C 98 33.41 48.33 -4.66
CA ALA C 98 32.29 49.20 -4.93
C ALA C 98 31.89 50.00 -3.68
N ILE C 99 31.75 49.29 -2.56
CA ILE C 99 31.34 49.90 -1.31
C ILE C 99 32.35 50.96 -0.88
N GLU C 100 33.63 50.67 -1.05
CA GLU C 100 34.68 51.60 -0.68
C GLU C 100 34.64 52.88 -1.49
N ASN C 101 33.99 52.82 -2.65
CA ASN C 101 33.87 53.97 -3.52
C ASN C 101 32.50 54.60 -3.46
N GLY C 102 31.73 54.23 -2.45
CA GLY C 102 30.40 54.77 -2.24
C GLY C 102 29.37 54.32 -3.26
N ASP C 103 29.65 53.22 -3.96
CA ASP C 103 28.71 52.69 -4.94
C ASP C 103 27.93 51.51 -4.40
N GLN C 104 26.81 51.21 -5.05
CA GLN C 104 26.04 50.04 -4.71
C GLN C 104 26.75 48.80 -5.25
N PRO C 105 27.05 47.83 -4.39
CA PRO C 105 27.70 46.62 -4.91
C PRO C 105 26.74 45.83 -5.80
N LEU C 106 27.27 45.09 -6.77
CA LEU C 106 26.44 44.22 -7.61
C LEU C 106 25.95 43.01 -6.83
N SER C 107 26.74 42.57 -5.85
CA SER C 107 26.42 41.40 -5.02
C SER C 107 25.97 40.19 -5.84
N ALA C 108 26.63 39.93 -6.97
CA ALA C 108 26.22 38.85 -7.86
C ALA C 108 26.24 37.48 -7.17
N GLU C 109 27.29 37.21 -6.42
CA GLU C 109 27.45 35.93 -5.79
C GLU C 109 26.41 35.73 -4.68
N LEU C 110 26.18 36.78 -3.90
CA LEU C 110 25.15 36.77 -2.86
C LEU C 110 23.76 36.54 -3.46
N LYS C 111 23.45 37.28 -4.52
CA LYS C 111 22.12 37.16 -5.13
C LYS C 111 21.93 35.75 -5.70
N ARG C 112 22.97 35.20 -6.33
CA ARG C 112 22.89 33.86 -6.88
C ARG C 112 22.70 32.81 -5.78
N PHE C 113 23.47 32.92 -4.71
CA PHE C 113 23.37 31.99 -3.60
C PHE C 113 21.97 32.04 -2.96
N ARG C 114 21.39 33.23 -2.83
CA ARG C 114 20.02 33.36 -2.35
C ARG C 114 19.02 32.68 -3.28
N LYS C 115 19.16 32.94 -4.58
CA LYS C 115 18.22 32.45 -5.58
C LYS C 115 18.34 30.94 -5.84
N GLU C 116 19.57 30.43 -5.82
CA GLU C 116 19.79 29.06 -6.25
C GLU C 116 20.15 28.08 -5.13
N TYR C 117 20.47 28.58 -3.94
CA TYR C 117 20.74 27.68 -2.81
C TYR C 117 19.73 27.90 -1.68
N ILE C 118 19.72 29.11 -1.12
CA ILE C 118 18.94 29.36 0.08
C ILE C 118 17.43 29.20 -0.17
N GLN C 119 16.90 29.90 -1.17
CA GLN C 119 15.47 29.87 -1.39
C GLN C 119 14.98 28.45 -1.78
N PRO C 120 15.69 27.74 -2.66
CA PRO C 120 15.24 26.37 -2.91
C PRO C 120 15.34 25.44 -1.69
N VAL C 121 16.43 25.50 -0.93
CA VAL C 121 16.55 24.63 0.23
C VAL C 121 15.48 24.99 1.28
N GLN C 122 15.28 26.27 1.54
CA GLN C 122 14.29 26.68 2.53
C GLN C 122 12.89 26.26 2.10
N LEU C 123 12.59 26.43 0.82
CA LEU C 123 11.27 26.05 0.33
C LEU C 123 11.07 24.56 0.48
N ARG C 124 12.13 23.80 0.23
CA ARG C 124 12.01 22.36 0.29
C ARG C 124 11.92 21.88 1.73
N VAL C 125 12.58 22.59 2.64
CA VAL C 125 12.34 22.34 4.07
C VAL C 125 10.87 22.58 4.42
N LEU C 126 10.30 23.66 3.91
CA LEU C 126 8.90 23.97 4.20
C LEU C 126 7.99 22.93 3.56
N ASN C 127 8.39 22.39 2.42
CA ASN C 127 7.63 21.31 1.81
C ASN C 127 7.66 20.03 2.66
N VAL C 128 8.80 19.76 3.29
CA VAL C 128 8.86 18.66 4.24
C VAL C 128 7.89 18.92 5.39
N CYS C 129 7.90 20.15 5.92
CA CYS C 129 6.97 20.50 6.99
C CYS C 129 5.51 20.31 6.57
N ARG C 130 5.21 20.78 5.36
CA ARG C 130 3.86 20.70 4.83
C ARG C 130 3.39 19.25 4.71
N HIS C 131 4.22 18.39 4.13
CA HIS C 131 3.88 16.98 3.96
C HIS C 131 3.74 16.28 5.31
N TRP C 132 4.64 16.63 6.21
CA TRP C 132 4.67 16.08 7.55
C TRP C 132 3.33 16.35 8.21
N VAL C 133 2.90 17.60 8.16
CA VAL C 133 1.65 17.99 8.82
C VAL C 133 0.44 17.38 8.08
N GLU C 134 0.45 17.44 6.76
CA GLU C 134 -0.72 16.97 6.01
C GLU C 134 -0.90 15.46 6.00
N HIS C 135 0.19 14.70 5.96
CA HIS C 135 0.07 13.28 5.69
C HIS C 135 0.67 12.40 6.79
N HIS C 136 1.29 13.03 7.78
CA HIS C 136 1.89 12.27 8.87
C HIS C 136 1.65 12.96 10.20
N PHE C 137 0.43 13.49 10.34
CA PHE C 137 0.07 14.33 11.46
C PHE C 137 0.08 13.55 12.77
N TYR C 138 0.10 12.22 12.70
CA TYR C 138 0.08 11.45 13.93
C TYR C 138 1.25 11.72 14.86
N ASP C 139 2.41 12.10 14.32
CA ASP C 139 3.54 12.50 15.18
C ASP C 139 3.12 13.64 16.12
N PHE C 140 2.36 14.56 15.58
CA PHE C 140 1.90 15.73 16.34
C PHE C 140 0.71 15.39 17.26
N GLU C 141 -0.14 14.46 16.84
CA GLU C 141 -1.26 14.02 17.69
C GLU C 141 -0.73 13.31 18.92
N ARG C 142 0.40 12.62 18.77
CA ARG C 142 0.94 11.81 19.85
C ARG C 142 1.96 12.57 20.70
N ASP C 143 2.36 13.76 20.23
CA ASP C 143 3.34 14.57 20.94
C ASP C 143 2.99 16.05 20.80
N ALA C 144 2.23 16.59 21.74
CA ALA C 144 1.79 17.97 21.69
C ALA C 144 2.93 18.97 21.67
N TYR C 145 4.04 18.65 22.34
CA TYR C 145 5.18 19.56 22.39
C TYR C 145 5.86 19.65 21.01
N LEU C 146 5.87 18.55 20.28
CA LEU C 146 6.39 18.55 18.91
C LEU C 146 5.57 19.50 18.05
N LEU C 147 4.26 19.48 18.25
CA LEU C 147 3.37 20.36 17.50
C LEU C 147 3.62 21.82 17.86
N GLN C 148 3.79 22.11 19.15
CA GLN C 148 4.11 23.47 19.55
C GLN C 148 5.39 23.94 18.89
N ARG C 149 6.41 23.09 18.86
CA ARG C 149 7.66 23.47 18.21
C ARG C 149 7.47 23.75 16.70
N MET C 150 6.66 22.94 16.03
CA MET C 150 6.42 23.16 14.60
C MET C 150 5.68 24.48 14.37
N GLU C 151 4.63 24.72 15.15
CA GLU C 151 3.85 25.96 15.04
C GLU C 151 4.73 27.18 15.26
N GLU C 152 5.60 27.07 16.26
CA GLU C 152 6.54 28.12 16.59
C GLU C 152 7.54 28.39 15.49
N PHE C 153 8.10 27.33 14.95
CA PHE C 153 9.07 27.47 13.86
C PHE C 153 8.41 28.16 12.66
N ILE C 154 7.30 27.59 12.19
CA ILE C 154 6.62 28.13 11.01
C ILE C 154 6.15 29.55 11.27
N GLY C 155 5.54 29.75 12.43
CA GLY C 155 5.01 31.03 12.82
C GLY C 155 6.05 32.12 13.00
N THR C 156 7.34 31.77 13.05
CA THR C 156 8.36 32.80 13.19
C THR C 156 9.34 32.92 12.02
N VAL C 157 9.03 32.28 10.90
CA VAL C 157 9.82 32.45 9.69
C VAL C 157 9.55 33.83 9.12
N ARG C 158 10.61 34.61 8.91
CA ARG C 158 10.46 35.98 8.44
C ARG C 158 10.85 36.10 6.98
N GLY C 159 10.47 37.18 6.33
CA GLY C 159 10.95 37.38 4.98
C GLY C 159 9.90 37.07 3.95
N LYS C 160 9.89 37.86 2.89
CA LYS C 160 8.77 37.84 1.98
C LYS C 160 8.81 36.66 1.02
N ALA C 161 9.99 36.12 0.78
CA ALA C 161 10.12 35.00 -0.16
C ALA C 161 9.31 33.78 0.30
N MET C 162 9.38 33.46 1.59
CA MET C 162 8.69 32.29 2.13
C MET C 162 7.28 32.58 2.64
N LYS C 163 6.92 33.85 2.69
CA LYS C 163 5.70 34.30 3.36
C LYS C 163 4.40 33.57 2.96
N LYS C 164 4.17 33.38 1.67
CA LYS C 164 2.93 32.75 1.24
C LYS C 164 2.79 31.34 1.81
N TRP C 165 3.89 30.61 1.85
CA TRP C 165 3.83 29.22 2.28
C TRP C 165 3.79 29.11 3.79
N VAL C 166 4.48 30.01 4.47
CA VAL C 166 4.45 30.03 5.92
C VAL C 166 3.05 30.35 6.42
N GLU C 167 2.41 31.36 5.82
CA GLU C 167 1.06 31.70 6.22
C GLU C 167 0.12 30.55 5.89
N SER C 168 0.36 29.89 4.76
CA SER C 168 -0.46 28.76 4.38
C SER C 168 -0.31 27.59 5.36
N ILE C 169 0.93 27.21 5.65
CA ILE C 169 1.18 26.07 6.53
C ILE C 169 0.65 26.30 7.96
N THR C 170 0.73 27.54 8.43
CA THR C 170 0.10 27.91 9.70
C THR C 170 -1.40 27.59 9.68
N LYS C 171 -2.08 27.96 8.61
CA LYS C 171 -3.51 27.66 8.51
C LYS C 171 -3.79 26.16 8.41
N ILE C 172 -2.95 25.45 7.65
CA ILE C 172 -3.12 24.02 7.49
C ILE C 172 -2.98 23.30 8.82
N ILE C 173 -2.02 23.72 9.62
CA ILE C 173 -1.82 23.14 10.94
C ILE C 173 -3.06 23.36 11.82
N GLN C 174 -3.57 24.59 11.82
CA GLN C 174 -4.73 24.89 12.64
C GLN C 174 -5.95 24.06 12.22
N ARG C 175 -6.14 23.91 10.91
CA ARG C 175 -7.18 23.04 10.36
C ARG C 175 -7.05 21.60 10.82
N LYS C 176 -5.83 21.07 10.70
CA LYS C 176 -5.55 19.69 11.05
C LYS C 176 -5.84 19.42 12.53
N LYS C 177 -5.67 20.45 13.36
CA LYS C 177 -5.87 20.29 14.79
C LYS C 177 -7.33 20.00 15.14
N ILE C 178 -8.26 20.67 14.45
CA ILE C 178 -9.68 20.52 14.78
C ILE C 178 -10.43 19.56 13.85
N ALA C 179 -9.67 18.78 13.08
CA ALA C 179 -10.27 17.82 12.17
C ALA C 179 -9.95 16.40 12.60
N ASN C 187 -17.56 13.92 0.77
CA ASN C 187 -17.83 14.81 -0.36
C ASN C 187 -17.09 14.36 -1.62
N ILE C 188 -17.83 13.61 -2.44
CA ILE C 188 -17.31 12.95 -3.62
C ILE C 188 -18.18 13.28 -4.84
N THR C 189 -17.56 13.52 -6.00
CA THR C 189 -18.28 13.73 -7.27
C THR C 189 -18.01 12.60 -8.24
N PHE C 190 -19.05 12.16 -8.95
CA PHE C 190 -18.89 11.04 -9.89
C PHE C 190 -19.22 11.30 -11.36
N GLN C 191 -20.09 12.28 -11.61
CA GLN C 191 -20.74 12.53 -12.92
C GLN C 191 -21.88 11.53 -13.13
N SER C 192 -21.58 10.23 -13.11
CA SER C 192 -22.62 9.20 -13.24
C SER C 192 -23.21 8.80 -11.88
N SER C 193 -24.48 8.47 -11.87
CA SER C 193 -25.12 8.09 -10.63
C SER C 193 -24.94 6.59 -10.36
N PRO C 194 -24.91 6.21 -9.07
CA PRO C 194 -24.79 4.80 -8.69
C PRO C 194 -26.03 4.00 -9.06
N PRO C 195 -25.85 2.71 -9.33
CA PRO C 195 -27.00 1.86 -9.69
C PRO C 195 -28.05 1.80 -8.59
N THR C 196 -29.27 1.42 -8.95
CA THR C 196 -30.34 1.27 -7.97
C THR C 196 -30.06 0.07 -7.05
N VAL C 197 -30.34 0.24 -5.76
CA VAL C 197 -30.20 -0.83 -4.78
C VAL C 197 -31.17 -1.97 -5.10
N GLU C 198 -30.67 -3.20 -5.07
CA GLU C 198 -31.49 -4.35 -5.46
C GLU C 198 -32.00 -5.12 -4.25
N TRP C 199 -33.26 -5.55 -4.32
CA TRP C 199 -33.90 -6.31 -3.25
C TRP C 199 -34.45 -7.63 -3.75
N HIS C 200 -34.48 -8.62 -2.87
CA HIS C 200 -34.91 -9.97 -3.16
C HIS C 200 -36.08 -10.32 -2.22
N ILE C 201 -35.92 -11.33 -1.37
CA ILE C 201 -37.00 -11.76 -0.47
C ILE C 201 -37.18 -10.74 0.66
N SER C 202 -36.10 -10.41 1.36
CA SER C 202 -36.16 -9.37 2.38
C SER C 202 -36.45 -8.03 1.70
N ARG C 203 -37.42 -7.31 2.22
CA ARG C 203 -37.77 -6.01 1.68
C ARG C 203 -37.15 -4.88 2.52
N PRO C 204 -37.08 -3.66 1.97
CA PRO C 204 -36.45 -2.55 2.70
C PRO C 204 -37.01 -2.37 4.10
N GLY C 205 -36.14 -2.19 5.08
CA GLY C 205 -36.56 -1.97 6.45
C GLY C 205 -36.84 -3.22 7.26
N HIS C 206 -36.88 -4.38 6.61
CA HIS C 206 -37.21 -5.62 7.31
C HIS C 206 -35.96 -6.37 7.72
N ILE C 207 -35.16 -5.73 8.56
CA ILE C 207 -33.83 -6.19 8.93
C ILE C 207 -33.85 -7.56 9.61
N GLU C 208 -34.97 -7.90 10.24
CA GLU C 208 -35.13 -9.16 10.95
C GLU C 208 -35.01 -10.37 10.04
N THR C 209 -35.38 -10.20 8.77
CA THR C 209 -35.35 -11.30 7.80
C THR C 209 -34.05 -11.40 7.00
N PHE C 210 -33.21 -10.36 7.08
CA PHE C 210 -31.93 -10.33 6.37
C PHE C 210 -31.12 -11.59 6.64
N ASP C 211 -30.63 -12.21 5.57
CA ASP C 211 -29.82 -13.41 5.69
C ASP C 211 -29.16 -13.64 4.34
N LEU C 212 -28.30 -14.64 4.27
CA LEU C 212 -27.54 -14.95 3.07
C LEU C 212 -28.42 -15.11 1.83
N LEU C 213 -29.53 -15.83 1.98
CA LEU C 213 -30.35 -16.19 0.85
C LEU C 213 -31.48 -15.19 0.61
N THR C 214 -31.79 -14.37 1.61
CA THR C 214 -32.96 -13.49 1.51
C THR C 214 -32.59 -12.09 1.00
N LEU C 215 -31.39 -11.63 1.30
CA LEU C 215 -30.88 -10.42 0.66
C LEU C 215 -30.55 -10.73 -0.81
N HIS C 216 -30.55 -9.70 -1.66
CA HIS C 216 -30.18 -9.92 -3.05
C HIS C 216 -28.67 -10.16 -3.13
N PRO C 217 -28.24 -11.21 -3.84
CA PRO C 217 -26.80 -11.49 -3.87
C PRO C 217 -26.01 -10.34 -4.48
N ILE C 218 -26.60 -9.62 -5.43
CA ILE C 218 -25.93 -8.45 -5.99
C ILE C 218 -25.67 -7.41 -4.89
N GLU C 219 -26.69 -7.17 -4.07
CA GLU C 219 -26.59 -6.12 -3.09
C GLU C 219 -25.73 -6.57 -1.91
N ILE C 220 -25.70 -7.87 -1.64
CA ILE C 220 -24.77 -8.38 -0.62
C ILE C 220 -23.34 -8.02 -1.04
N ALA C 221 -22.99 -8.35 -2.28
CA ALA C 221 -21.64 -8.07 -2.77
C ALA C 221 -21.35 -6.57 -2.79
N ARG C 222 -22.32 -5.75 -3.17
CA ARG C 222 -22.10 -4.30 -3.21
C ARG C 222 -21.87 -3.72 -1.82
N GLN C 223 -22.70 -4.12 -0.86
CA GLN C 223 -22.63 -3.53 0.47
C GLN C 223 -21.36 -4.02 1.19
N LEU C 224 -20.99 -5.28 0.96
CA LEU C 224 -19.74 -5.78 1.52
C LEU C 224 -18.54 -5.10 0.86
N THR C 225 -18.66 -4.75 -0.42
CA THR C 225 -17.57 -4.09 -1.12
C THR C 225 -17.39 -2.67 -0.60
N LEU C 226 -18.49 -1.96 -0.37
CA LEU C 226 -18.42 -0.63 0.26
C LEU C 226 -17.79 -0.70 1.65
N LEU C 227 -18.20 -1.70 2.43
CA LEU C 227 -17.66 -1.88 3.77
C LEU C 227 -16.16 -2.21 3.72
N GLU C 228 -15.79 -3.14 2.86
CA GLU C 228 -14.41 -3.60 2.76
C GLU C 228 -13.51 -2.54 2.12
N SER C 229 -14.05 -1.74 1.21
CA SER C 229 -13.33 -0.59 0.65
C SER C 229 -13.05 0.47 1.73
N ASP C 230 -14.07 0.82 2.51
CA ASP C 230 -13.87 1.74 3.63
C ASP C 230 -12.82 1.22 4.62
N LEU C 231 -12.91 -0.05 5.00
CA LEU C 231 -11.92 -0.65 5.89
C LEU C 231 -10.50 -0.63 5.28
N TYR C 232 -10.42 -0.94 3.99
CA TYR C 232 -9.16 -0.87 3.28
C TYR C 232 -8.58 0.57 3.28
N ARG C 233 -9.44 1.54 2.98
CA ARG C 233 -9.02 2.92 2.81
C ARG C 233 -8.61 3.57 4.14
N ALA C 234 -9.03 2.98 5.26
CA ALA C 234 -8.77 3.55 6.57
C ALA C 234 -7.38 3.24 7.14
N VAL C 235 -6.66 2.31 6.52
CA VAL C 235 -5.37 1.86 7.08
C VAL C 235 -4.26 2.85 6.73
N GLN C 236 -3.61 3.37 7.77
CA GLN C 236 -2.50 4.34 7.58
C GLN C 236 -1.13 3.64 7.59
N PRO C 237 -0.13 4.24 6.92
CA PRO C 237 1.22 3.66 6.97
C PRO C 237 1.77 3.52 8.40
N SER C 238 1.32 4.37 9.32
CA SER C 238 1.76 4.27 10.71
C SER C 238 1.40 2.94 11.34
N GLU C 239 0.41 2.27 10.79
CA GLU C 239 -0.02 0.97 11.31
C GLU C 239 0.84 -0.18 10.78
N LEU C 240 1.73 0.15 9.84
CA LEU C 240 2.48 -0.83 9.08
C LEU C 240 4.00 -0.76 9.29
N VAL C 241 4.58 0.44 9.24
CA VAL C 241 6.03 0.59 9.43
C VAL C 241 6.48 0.04 10.78
N GLY C 242 7.66 -0.56 10.81
CA GLY C 242 8.16 -1.17 12.04
C GLY C 242 7.45 -2.47 12.38
N SER C 243 6.65 -2.98 11.45
CA SER C 243 5.93 -4.25 11.63
C SER C 243 5.06 -4.25 12.88
N VAL C 244 4.52 -3.09 13.23
CA VAL C 244 3.87 -2.94 14.53
C VAL C 244 2.57 -3.73 14.67
N TRP C 245 1.97 -4.16 13.57
CA TRP C 245 0.73 -4.96 13.66
C TRP C 245 0.98 -6.41 14.15
N THR C 246 2.26 -6.79 14.16
CA THR C 246 2.65 -8.13 14.63
C THR C 246 3.15 -8.12 16.08
N LYS C 247 3.35 -6.93 16.65
CA LYS C 247 3.98 -6.83 17.97
C LYS C 247 2.97 -6.72 19.11
N GLU C 248 3.48 -6.67 20.34
CA GLU C 248 2.62 -6.74 21.53
C GLU C 248 1.57 -5.63 21.60
N ASP C 249 1.91 -4.46 21.07
CA ASP C 249 1.02 -3.30 21.12
C ASP C 249 0.20 -3.14 19.84
N LYS C 250 0.01 -4.23 19.11
CA LYS C 250 -0.68 -4.16 17.83
C LYS C 250 -2.08 -3.53 17.91
N GLU C 251 -2.82 -3.76 19.00
CA GLU C 251 -4.16 -3.19 19.10
C GLU C 251 -4.10 -1.67 19.24
N ILE C 252 -3.01 -1.18 19.82
CA ILE C 252 -2.83 0.25 19.98
C ILE C 252 -2.36 0.87 18.68
N ASN C 253 -1.39 0.23 18.04
CA ASN C 253 -0.74 0.83 16.89
C ASN C 253 -1.38 0.52 15.54
N SER C 254 -2.12 -0.59 15.46
CA SER C 254 -2.69 -0.98 14.17
C SER C 254 -4.20 -1.26 14.20
N PRO C 255 -5.00 -0.39 14.83
CA PRO C 255 -6.41 -0.71 15.06
C PRO C 255 -7.23 -0.79 13.76
N ASN C 256 -6.95 0.08 12.80
CA ASN C 256 -7.70 0.03 11.55
C ASN C 256 -7.37 -1.22 10.75
N LEU C 257 -6.09 -1.57 10.69
CA LEU C 257 -5.69 -2.79 10.00
C LEU C 257 -6.36 -4.03 10.61
N LEU C 258 -6.32 -4.11 11.93
CA LEU C 258 -6.88 -5.28 12.61
C LEU C 258 -8.40 -5.35 12.44
N LYS C 259 -9.08 -4.20 12.47
CA LYS C 259 -10.53 -4.17 12.22
C LYS C 259 -10.83 -4.72 10.83
N MET C 260 -10.01 -4.32 9.86
CA MET C 260 -10.14 -4.78 8.49
C MET C 260 -9.96 -6.31 8.40
N ILE C 261 -8.91 -6.82 9.02
CA ILE C 261 -8.64 -8.26 8.95
C ILE C 261 -9.73 -9.06 9.66
N ARG C 262 -10.18 -8.58 10.82
CA ARG C 262 -11.21 -9.27 11.54
C ARG C 262 -12.54 -9.30 10.78
N HIS C 263 -12.83 -8.25 10.03
CA HIS C 263 -13.99 -8.31 9.14
C HIS C 263 -13.86 -9.46 8.14
N THR C 264 -12.71 -9.53 7.48
CA THR C 264 -12.46 -10.57 6.48
C THR C 264 -12.61 -11.96 7.08
N THR C 265 -12.00 -12.14 8.25
CA THR C 265 -12.07 -13.39 8.98
C THR C 265 -13.51 -13.76 9.33
N ASN C 266 -14.25 -12.81 9.90
CA ASN C 266 -15.64 -13.05 10.25
C ASN C 266 -16.55 -13.41 9.07
N LEU C 267 -16.32 -12.77 7.93
CA LEU C 267 -17.13 -13.06 6.74
C LEU C 267 -16.83 -14.46 6.21
N THR C 268 -15.56 -14.83 6.20
CA THR C 268 -15.17 -16.18 5.81
C THR C 268 -15.83 -17.20 6.73
N LEU C 269 -15.75 -16.98 8.04
CA LEU C 269 -16.38 -17.90 8.99
C LEU C 269 -17.89 -17.94 8.81
N TRP C 270 -18.50 -16.79 8.52
CA TRP C 270 -19.93 -16.75 8.26
C TRP C 270 -20.34 -17.61 7.05
N PHE C 271 -19.59 -17.52 5.96
CA PHE C 271 -19.84 -18.38 4.80
C PHE C 271 -19.74 -19.85 5.19
N GLU C 272 -18.72 -20.22 5.94
CA GLU C 272 -18.55 -21.62 6.35
C GLU C 272 -19.72 -22.07 7.20
N LYS C 273 -20.13 -21.20 8.11
CA LYS C 273 -21.23 -21.48 9.02
C LYS C 273 -22.54 -21.62 8.26
N CYS C 274 -22.80 -20.72 7.32
CA CYS C 274 -24.01 -20.82 6.51
C CYS C 274 -24.04 -22.17 5.79
N ILE C 275 -22.88 -22.61 5.30
CA ILE C 275 -22.80 -23.86 4.55
C ILE C 275 -23.04 -25.09 5.44
N VAL C 276 -22.23 -25.27 6.49
CA VAL C 276 -22.30 -26.52 7.26
C VAL C 276 -23.53 -26.60 8.19
N GLU C 277 -24.14 -25.46 8.52
CA GLU C 277 -25.37 -25.49 9.31
C GLU C 277 -26.61 -25.69 8.44
N THR C 278 -26.39 -25.81 7.14
CA THR C 278 -27.48 -26.17 6.23
C THR C 278 -27.35 -27.66 5.96
N GLU C 279 -28.08 -28.47 6.73
CA GLU C 279 -27.87 -29.91 6.74
C GLU C 279 -28.45 -30.64 5.53
N ASN C 280 -29.57 -30.14 5.03
CA ASN C 280 -30.18 -30.69 3.83
C ASN C 280 -29.31 -30.44 2.59
N LEU C 281 -28.93 -31.51 1.88
CA LEU C 281 -28.00 -31.41 0.76
C LEU C 281 -28.47 -30.43 -0.31
N GLU C 282 -29.72 -30.56 -0.73
CA GLU C 282 -30.25 -29.67 -1.75
C GLU C 282 -30.17 -28.19 -1.31
N GLU C 283 -30.59 -27.90 -0.09
CA GLU C 283 -30.51 -26.53 0.41
C GLU C 283 -29.05 -26.06 0.51
N ARG C 284 -28.16 -26.95 0.92
CA ARG C 284 -26.76 -26.59 1.08
C ARG C 284 -26.15 -26.23 -0.27
N VAL C 285 -26.54 -26.97 -1.30
CA VAL C 285 -26.09 -26.67 -2.66
C VAL C 285 -26.54 -25.27 -3.05
N ALA C 286 -27.78 -24.92 -2.74
CA ALA C 286 -28.29 -23.57 -3.01
C ALA C 286 -27.45 -22.51 -2.30
N VAL C 287 -27.07 -22.80 -1.06
CA VAL C 287 -26.24 -21.88 -0.27
C VAL C 287 -24.86 -21.68 -0.91
N VAL C 288 -24.19 -22.77 -1.24
CA VAL C 288 -22.89 -22.69 -1.87
C VAL C 288 -22.98 -21.97 -3.22
N SER C 289 -24.00 -22.29 -4.03
CA SER C 289 -24.19 -21.60 -5.30
C SER C 289 -24.38 -20.10 -5.12
N ARG C 290 -25.13 -19.73 -4.10
CA ARG C 290 -25.37 -18.32 -3.84
C ARG C 290 -24.06 -17.62 -3.48
N ILE C 291 -23.22 -18.29 -2.70
CA ILE C 291 -21.96 -17.69 -2.28
C ILE C 291 -21.05 -17.48 -3.51
N ILE C 292 -21.07 -18.43 -4.42
CA ILE C 292 -20.29 -18.32 -5.65
C ILE C 292 -20.82 -17.17 -6.54
N GLU C 293 -22.13 -16.97 -6.55
CA GLU C 293 -22.68 -15.81 -7.26
C GLU C 293 -22.16 -14.48 -6.62
N ILE C 294 -22.12 -14.43 -5.30
CA ILE C 294 -21.58 -13.27 -4.60
C ILE C 294 -20.11 -13.07 -5.01
N LEU C 295 -19.35 -14.16 -5.06
CA LEU C 295 -17.97 -14.12 -5.56
C LEU C 295 -17.87 -13.52 -6.96
N GLN C 296 -18.79 -13.91 -7.84
CA GLN C 296 -18.82 -13.39 -9.20
C GLN C 296 -19.01 -11.89 -9.20
N VAL C 297 -19.88 -11.37 -8.33
CA VAL C 297 -20.08 -9.93 -8.27
C VAL C 297 -18.85 -9.21 -7.65
N PHE C 298 -18.24 -9.80 -6.62
CA PHE C 298 -16.95 -9.33 -6.10
C PHE C 298 -15.91 -9.18 -7.22
N GLN C 299 -15.79 -10.21 -8.06
CA GLN C 299 -14.87 -10.16 -9.20
C GLN C 299 -15.20 -8.99 -10.11
N GLU C 300 -16.49 -8.80 -10.40
CA GLU C 300 -16.92 -7.71 -11.28
C GLU C 300 -16.57 -6.35 -10.69
N LEU C 301 -16.66 -6.26 -9.36
CA LEU C 301 -16.35 -5.01 -8.65
C LEU C 301 -14.87 -4.82 -8.33
N ASN C 302 -14.03 -5.76 -8.75
CA ASN C 302 -12.60 -5.76 -8.38
C ASN C 302 -12.40 -5.75 -6.87
N ASN C 303 -13.30 -6.38 -6.13
CA ASN C 303 -13.08 -6.54 -4.69
C ASN C 303 -12.34 -7.85 -4.47
N PHE C 304 -11.02 -7.78 -4.49
CA PHE C 304 -10.19 -8.96 -4.34
C PHE C 304 -10.21 -9.48 -2.91
N ASN C 305 -10.35 -8.59 -1.95
CA ASN C 305 -10.54 -9.06 -0.57
C ASN C 305 -11.77 -9.96 -0.47
N GLY C 306 -12.87 -9.50 -1.07
CA GLY C 306 -14.10 -10.27 -1.09
C GLY C 306 -13.93 -11.61 -1.78
N VAL C 307 -13.28 -11.60 -2.94
CA VAL C 307 -12.98 -12.83 -3.66
C VAL C 307 -12.24 -13.84 -2.76
N LEU C 308 -11.21 -13.38 -2.07
CA LEU C 308 -10.43 -14.32 -1.26
C LEU C 308 -11.18 -14.74 0.02
N GLU C 309 -12.07 -13.88 0.52
CA GLU C 309 -12.96 -14.27 1.61
C GLU C 309 -13.72 -15.54 1.24
N VAL C 310 -14.21 -15.57 0.01
CA VAL C 310 -14.99 -16.71 -0.45
C VAL C 310 -14.09 -17.91 -0.71
N VAL C 311 -13.00 -17.68 -1.42
CA VAL C 311 -12.04 -18.73 -1.70
C VAL C 311 -11.52 -19.38 -0.42
N SER C 312 -11.17 -18.57 0.58
CA SER C 312 -10.75 -19.11 1.87
C SER C 312 -11.83 -19.99 2.53
N ALA C 313 -13.08 -19.58 2.42
CA ALA C 313 -14.17 -20.37 2.98
C ALA C 313 -14.28 -21.72 2.26
N MET C 314 -14.20 -21.69 0.94
CA MET C 314 -14.37 -22.92 0.15
C MET C 314 -13.21 -23.88 0.32
N ASN C 315 -12.02 -23.36 0.62
CA ASN C 315 -10.85 -24.19 0.88
C ASN C 315 -10.71 -24.63 2.33
N SER C 316 -11.58 -24.15 3.19
CA SER C 316 -11.50 -24.49 4.60
C SER C 316 -11.76 -25.98 4.80
N SER C 317 -11.25 -26.53 5.90
CA SER C 317 -11.42 -27.94 6.20
C SER C 317 -12.88 -28.40 6.24
N PRO C 318 -13.78 -27.65 6.91
CA PRO C 318 -15.16 -28.14 6.96
C PRO C 318 -15.86 -28.15 5.61
N VAL C 319 -15.49 -27.24 4.72
CA VAL C 319 -16.23 -27.08 3.46
C VAL C 319 -15.62 -27.90 2.33
N TYR C 320 -14.29 -27.87 2.23
CA TYR C 320 -13.58 -28.51 1.15
C TYR C 320 -13.93 -29.98 1.03
N ARG C 321 -14.23 -30.62 2.16
CA ARG C 321 -14.43 -32.06 2.19
C ARG C 321 -15.85 -32.47 1.80
N LEU C 322 -16.70 -31.50 1.48
CA LEU C 322 -18.10 -31.79 1.17
C LEU C 322 -18.29 -32.23 -0.29
N ASP C 323 -17.78 -33.42 -0.61
CA ASP C 323 -17.81 -33.97 -1.97
C ASP C 323 -19.20 -34.04 -2.60
N HIS C 324 -20.21 -34.42 -1.83
CA HIS C 324 -21.57 -34.51 -2.36
C HIS C 324 -22.11 -33.14 -2.76
N THR C 325 -21.77 -32.13 -1.98
CA THR C 325 -22.19 -30.77 -2.29
C THR C 325 -21.49 -30.29 -3.57
N PHE C 326 -20.18 -30.49 -3.62
CA PHE C 326 -19.36 -30.04 -4.75
C PHE C 326 -19.85 -30.69 -6.04
N GLU C 327 -20.17 -31.98 -5.97
CA GLU C 327 -20.66 -32.70 -7.13
C GLU C 327 -21.89 -32.03 -7.76
N GLN C 328 -22.76 -31.44 -6.95
CA GLN C 328 -23.97 -30.85 -7.49
C GLN C 328 -23.84 -29.37 -7.87
N ILE C 329 -22.67 -28.79 -7.66
CA ILE C 329 -22.47 -27.40 -8.09
C ILE C 329 -22.43 -27.36 -9.61
N PRO C 330 -23.25 -26.49 -10.23
CA PRO C 330 -23.27 -26.37 -11.68
C PRO C 330 -21.88 -26.12 -12.25
N SER C 331 -21.60 -26.71 -13.40
CA SER C 331 -20.29 -26.60 -14.01
C SER C 331 -19.82 -25.15 -14.20
N ARG C 332 -20.73 -24.24 -14.54
CA ARG C 332 -20.33 -22.87 -14.80
C ARG C 332 -19.84 -22.19 -13.52
N GLN C 333 -20.32 -22.66 -12.37
CA GLN C 333 -19.92 -22.10 -11.09
C GLN C 333 -18.64 -22.73 -10.56
N LYS C 334 -18.45 -24.02 -10.83
CA LYS C 334 -17.18 -24.65 -10.56
C LYS C 334 -16.05 -23.89 -11.22
N LYS C 335 -16.28 -23.46 -12.47
CA LYS C 335 -15.28 -22.73 -13.24
C LYS C 335 -14.99 -21.36 -12.62
N ILE C 336 -16.04 -20.64 -12.26
CA ILE C 336 -15.89 -19.37 -11.58
C ILE C 336 -15.04 -19.50 -10.32
N LEU C 337 -15.38 -20.50 -9.50
CA LEU C 337 -14.69 -20.72 -8.25
C LEU C 337 -13.24 -21.13 -8.49
N GLU C 338 -13.04 -21.99 -9.48
CA GLU C 338 -11.69 -22.46 -9.78
C GLU C 338 -10.81 -21.31 -10.29
N GLU C 339 -11.39 -20.47 -11.13
CA GLU C 339 -10.67 -19.32 -11.65
C GLU C 339 -10.23 -18.40 -10.52
N ALA C 340 -11.11 -18.22 -9.54
CA ALA C 340 -10.81 -17.39 -8.38
C ALA C 340 -9.68 -18.02 -7.57
N HIS C 341 -9.77 -19.33 -7.37
CA HIS C 341 -8.72 -20.03 -6.64
C HIS C 341 -7.36 -19.89 -7.31
N GLU C 342 -7.35 -19.94 -8.63
CA GLU C 342 -6.08 -19.87 -9.37
C GLU C 342 -5.40 -18.51 -9.20
N LEU C 343 -6.15 -17.49 -8.78
CA LEU C 343 -5.52 -16.19 -8.46
C LEU C 343 -4.47 -16.34 -7.39
N SER C 344 -4.71 -17.25 -6.44
CA SER C 344 -3.86 -17.35 -5.27
C SER C 344 -2.71 -18.33 -5.46
N GLU C 345 -2.79 -19.14 -6.51
CA GLU C 345 -1.79 -20.17 -6.79
C GLU C 345 -0.43 -19.56 -7.08
N ASP C 346 0.62 -20.34 -6.84
CA ASP C 346 1.99 -19.91 -7.11
C ASP C 346 2.30 -18.55 -6.50
N HIS C 347 2.03 -18.41 -5.20
CA HIS C 347 2.35 -17.19 -4.48
C HIS C 347 1.64 -15.99 -5.10
N TYR C 348 0.35 -16.19 -5.39
CA TYR C 348 -0.53 -15.13 -5.87
C TYR C 348 -0.09 -14.54 -7.20
N LYS C 349 0.56 -15.34 -8.03
CA LYS C 349 1.07 -14.85 -9.30
C LYS C 349 -0.03 -14.21 -10.17
N LYS C 350 -1.16 -14.88 -10.33
CA LYS C 350 -2.21 -14.36 -11.19
C LYS C 350 -2.96 -13.20 -10.52
N TYR C 351 -3.15 -13.29 -9.20
CA TYR C 351 -3.70 -12.16 -8.47
C TYR C 351 -2.90 -10.86 -8.71
N LEU C 352 -1.58 -10.93 -8.56
CA LEU C 352 -0.75 -9.73 -8.65
C LEU C 352 -0.82 -9.11 -10.04
N ALA C 353 -0.83 -9.96 -11.06
CA ALA C 353 -0.99 -9.52 -12.44
C ALA C 353 -2.38 -8.90 -12.66
N LYS C 354 -3.41 -9.50 -12.08
CA LYS C 354 -4.76 -8.98 -12.30
C LYS C 354 -4.92 -7.61 -11.61
N LEU C 355 -4.44 -7.51 -10.37
CA LEU C 355 -4.50 -6.25 -9.62
C LEU C 355 -3.88 -5.11 -10.42
N ARG C 356 -2.75 -5.40 -11.06
CA ARG C 356 -2.01 -4.40 -11.82
C ARG C 356 -2.59 -4.15 -13.22
N SER C 357 -3.66 -4.85 -13.58
CA SER C 357 -4.25 -4.64 -14.89
C SER C 357 -5.66 -4.03 -14.83
N ILE C 358 -6.36 -4.11 -13.71
CA ILE C 358 -7.74 -3.64 -13.70
C ILE C 358 -7.82 -2.13 -13.63
N ASN C 359 -9.02 -1.61 -13.85
CA ASN C 359 -9.31 -0.20 -13.70
C ASN C 359 -9.95 0.03 -12.33
N PRO C 360 -9.25 0.74 -11.44
CA PRO C 360 -9.82 1.00 -10.11
C PRO C 360 -11.15 1.76 -10.20
N PRO C 361 -11.95 1.78 -9.13
CA PRO C 361 -11.67 1.33 -7.77
C PRO C 361 -11.56 -0.20 -7.62
N CYS C 362 -10.76 -0.61 -6.65
CA CYS C 362 -10.67 -2.00 -6.29
C CYS C 362 -10.46 -2.11 -4.78
N VAL C 363 -10.53 -3.32 -4.26
CA VAL C 363 -10.16 -3.60 -2.88
C VAL C 363 -9.09 -4.68 -2.88
N PRO C 364 -7.82 -4.29 -2.75
CA PRO C 364 -6.75 -5.29 -2.72
C PRO C 364 -6.88 -6.26 -1.55
N PHE C 365 -6.26 -7.41 -1.69
CA PHE C 365 -6.02 -8.28 -0.55
C PHE C 365 -4.81 -7.76 0.22
N PHE C 366 -4.99 -7.41 1.49
CA PHE C 366 -3.92 -6.77 2.25
C PHE C 366 -2.79 -7.72 2.68
N GLY C 367 -3.10 -9.02 2.77
CA GLY C 367 -2.18 -9.98 3.36
C GLY C 367 -0.80 -10.01 2.70
N ILE C 368 -0.79 -9.89 1.38
CA ILE C 368 0.47 -9.90 0.65
C ILE C 368 1.35 -8.71 1.03
N TYR C 369 0.74 -7.54 1.14
CA TYR C 369 1.47 -6.36 1.56
C TYR C 369 2.11 -6.53 2.93
N LEU C 370 1.37 -7.14 3.86
CA LEU C 370 1.87 -7.34 5.22
C LEU C 370 3.10 -8.23 5.22
N THR C 371 3.00 -9.35 4.50
CA THR C 371 4.10 -10.29 4.41
C THR C 371 5.33 -9.61 3.77
N ASN C 372 5.12 -8.87 2.68
CA ASN C 372 6.26 -8.22 2.05
C ASN C 372 6.86 -7.11 2.90
N ILE C 373 6.04 -6.38 3.63
CA ILE C 373 6.60 -5.36 4.53
C ILE C 373 7.41 -6.03 5.64
N LEU C 374 6.82 -7.03 6.29
CA LEU C 374 7.50 -7.74 7.39
C LEU C 374 8.82 -8.36 6.93
N LYS C 375 8.81 -9.05 5.80
CA LYS C 375 10.02 -9.70 5.32
C LYS C 375 11.08 -8.70 4.89
N THR C 376 10.66 -7.57 4.34
CA THR C 376 11.61 -6.52 3.96
C THR C 376 12.29 -5.96 5.21
N GLU C 377 11.54 -5.82 6.29
CA GLU C 377 12.07 -5.25 7.51
C GLU C 377 12.98 -6.24 8.24
N GLU C 378 12.59 -7.50 8.25
CA GLU C 378 13.34 -8.55 8.92
C GLU C 378 14.58 -8.96 8.15
N GLY C 379 14.51 -8.89 6.83
CA GLY C 379 15.55 -9.45 5.99
C GLY C 379 16.66 -8.50 5.57
N ASN C 380 16.59 -7.24 6.01
CA ASN C 380 17.60 -6.24 5.64
C ASN C 380 18.10 -5.52 6.88
N PRO C 381 19.41 -5.19 6.93
CA PRO C 381 19.96 -4.53 8.12
C PRO C 381 19.57 -3.06 8.25
N GLU C 382 19.43 -2.58 9.48
CA GLU C 382 19.16 -1.17 9.75
C GLU C 382 20.29 -0.26 9.26
N VAL C 383 21.53 -0.73 9.38
CA VAL C 383 22.66 0.08 8.98
C VAL C 383 23.60 -0.68 8.09
N LEU C 384 24.37 0.05 7.30
CA LEU C 384 25.49 -0.51 6.55
C LEU C 384 26.79 0.04 7.14
N LYS C 385 27.75 -0.84 7.36
CA LYS C 385 29.03 -0.42 7.90
C LYS C 385 30.02 -0.21 6.77
N ARG C 386 30.57 0.99 6.68
CA ARG C 386 31.48 1.37 5.62
C ARG C 386 32.59 2.26 6.16
N HIS C 387 33.85 1.87 5.96
CA HIS C 387 34.99 2.70 6.37
C HIS C 387 34.93 3.10 7.84
N GLY C 388 34.54 2.18 8.71
CA GLY C 388 34.43 2.48 10.13
C GLY C 388 33.17 3.20 10.56
N LYS C 389 32.36 3.66 9.60
CA LYS C 389 31.15 4.41 9.93
C LYS C 389 29.88 3.55 9.81
N GLU C 390 28.85 3.90 10.56
CA GLU C 390 27.56 3.26 10.37
C GLU C 390 26.67 4.18 9.55
N LEU C 391 26.19 3.69 8.43
CA LEU C 391 25.31 4.48 7.58
C LEU C 391 23.90 3.92 7.64
N ILE C 392 22.90 4.79 7.68
CA ILE C 392 21.51 4.34 7.62
C ILE C 392 21.25 3.65 6.30
N ASN C 393 20.76 2.42 6.37
CA ASN C 393 20.41 1.67 5.17
C ASN C 393 19.10 2.18 4.59
N PHE C 394 19.18 3.17 3.72
CA PHE C 394 17.95 3.77 3.23
C PHE C 394 17.25 2.93 2.16
N SER C 395 17.98 2.08 1.45
CA SER C 395 17.35 1.25 0.43
C SER C 395 16.26 0.36 1.06
N LYS C 396 16.51 -0.13 2.27
CA LYS C 396 15.52 -0.89 3.02
C LYS C 396 14.22 -0.12 3.25
N ARG C 397 14.35 1.13 3.68
CA ARG C 397 13.21 2.01 3.91
C ARG C 397 12.50 2.33 2.60
N ARG C 398 13.25 2.55 1.53
CA ARG C 398 12.62 2.80 0.23
C ARG C 398 11.76 1.59 -0.21
N LYS C 399 12.26 0.39 0.01
CA LYS C 399 11.48 -0.82 -0.29
C LYS C 399 10.17 -0.88 0.52
N VAL C 400 10.22 -0.54 1.80
CA VAL C 400 9.00 -0.51 2.59
C VAL C 400 8.05 0.56 2.06
N ALA C 401 8.57 1.75 1.76
CA ALA C 401 7.75 2.86 1.24
C ALA C 401 7.17 2.59 -0.15
N GLU C 402 7.81 1.75 -0.93
CA GLU C 402 7.23 1.36 -2.21
C GLU C 402 5.95 0.57 -1.97
N ILE C 403 5.96 -0.29 -0.96
CA ILE C 403 4.75 -1.04 -0.63
C ILE C 403 3.67 -0.14 -0.02
N THR C 404 4.03 0.72 0.94
CA THR C 404 3.00 1.62 1.50
C THR C 404 2.48 2.56 0.41
N GLY C 405 3.34 2.92 -0.54
CA GLY C 405 2.94 3.76 -1.65
C GLY C 405 1.92 3.06 -2.55
N GLU C 406 2.14 1.79 -2.85
CA GLU C 406 1.19 1.04 -3.66
CA GLU C 406 1.20 1.03 -3.65
C GLU C 406 -0.15 0.94 -2.93
N ILE C 407 -0.08 0.67 -1.63
CA ILE C 407 -1.29 0.60 -0.82
C ILE C 407 -2.07 1.90 -0.95
N GLN C 408 -1.38 3.02 -0.74
CA GLN C 408 -2.02 4.32 -0.79
C GLN C 408 -2.61 4.60 -2.16
N GLN C 409 -1.93 4.19 -3.23
CA GLN C 409 -2.45 4.43 -4.57
C GLN C 409 -3.86 3.82 -4.75
N TYR C 410 -4.09 2.62 -4.20
CA TYR C 410 -5.41 1.98 -4.36
C TYR C 410 -6.43 2.50 -3.34
N GLN C 411 -6.00 3.35 -2.43
CA GLN C 411 -6.93 3.91 -1.44
C GLN C 411 -7.61 5.20 -1.94
N ASN C 412 -7.19 5.71 -3.09
CA ASN C 412 -7.73 6.99 -3.56
C ASN C 412 -9.11 6.90 -4.21
N GLN C 413 -9.36 5.84 -4.99
CA GLN C 413 -10.54 5.80 -5.86
C GLN C 413 -11.75 5.25 -5.11
N PRO C 414 -12.82 6.05 -5.04
CA PRO C 414 -14.04 5.65 -4.33
C PRO C 414 -15.01 4.87 -5.23
N TYR C 415 -15.77 3.95 -4.65
CA TYR C 415 -16.78 3.21 -5.39
C TYR C 415 -18.02 4.04 -5.67
N CYS C 416 -18.54 3.95 -6.87
CA CYS C 416 -19.82 4.62 -7.18
C CYS C 416 -20.98 3.68 -6.87
N LEU C 417 -21.23 3.47 -5.58
CA LEU C 417 -22.28 2.58 -5.09
C LEU C 417 -22.99 3.26 -3.92
N ARG C 418 -24.30 3.13 -3.88
CA ARG C 418 -25.10 3.68 -2.80
C ARG C 418 -25.08 2.77 -1.58
N VAL C 419 -24.82 3.37 -0.43
CA VAL C 419 -24.93 2.68 0.85
C VAL C 419 -26.39 2.37 1.17
N GLU C 420 -26.65 1.15 1.62
CA GLU C 420 -27.93 0.78 2.21
C GLU C 420 -27.66 0.59 3.70
N SER C 421 -28.12 1.54 4.51
CA SER C 421 -27.78 1.61 5.93
C SER C 421 -28.10 0.35 6.72
N ASP C 422 -29.25 -0.24 6.46
CA ASP C 422 -29.62 -1.47 7.16
C ASP C 422 -28.78 -2.68 6.74
N ILE C 423 -28.51 -2.83 5.46
CA ILE C 423 -27.69 -3.95 5.02
C ILE C 423 -26.26 -3.77 5.52
N LYS C 424 -25.79 -2.53 5.49
CA LYS C 424 -24.48 -2.17 6.02
C LYS C 424 -24.37 -2.59 7.49
N ARG C 425 -25.35 -2.21 8.29
CA ARG C 425 -25.41 -2.53 9.71
C ARG C 425 -25.44 -4.04 9.93
N PHE C 426 -26.24 -4.73 9.15
CA PHE C 426 -26.32 -6.19 9.22
C PHE C 426 -24.94 -6.81 9.09
N PHE C 427 -24.15 -6.35 8.12
CA PHE C 427 -22.84 -6.93 7.93
C PHE C 427 -21.81 -6.40 8.93
N GLU C 428 -21.99 -5.16 9.39
CA GLU C 428 -21.11 -4.66 10.46
C GLU C 428 -21.27 -5.49 11.73
N ASN C 429 -22.49 -5.92 12.01
CA ASN C 429 -22.78 -6.64 13.25
C ASN C 429 -22.69 -8.16 13.16
N LEU C 430 -22.37 -8.68 11.97
CA LEU C 430 -22.17 -10.13 11.81
C LEU C 430 -21.20 -10.68 12.84
N ASN C 431 -21.61 -11.73 13.53
CA ASN C 431 -20.76 -12.31 14.54
C ASN C 431 -20.99 -13.81 14.60
N PRO C 432 -20.49 -14.53 13.58
CA PRO C 432 -20.76 -15.97 13.47
C PRO C 432 -20.26 -16.80 14.67
N MET C 433 -19.19 -16.37 15.34
CA MET C 433 -18.66 -17.14 16.47
C MET C 433 -19.48 -16.94 17.76
N GLY C 434 -20.29 -15.90 17.81
CA GLY C 434 -21.01 -15.57 19.01
C GLY C 434 -20.06 -15.36 20.19
N ASN C 435 -20.35 -16.03 21.32
CA ASN C 435 -19.50 -15.94 22.50
C ASN C 435 -18.44 -17.01 22.55
N SER C 436 -18.36 -17.84 21.52
CA SER C 436 -17.42 -18.95 21.52
C SER C 436 -16.02 -18.51 21.18
N MET C 437 -15.03 -19.17 21.77
CA MET C 437 -13.65 -19.00 21.39
C MET C 437 -13.39 -19.66 20.04
N GLU C 438 -12.30 -19.26 19.38
CA GLU C 438 -11.99 -19.71 18.03
C GLU C 438 -11.86 -21.22 17.87
N LYS C 439 -11.12 -21.88 18.76
CA LYS C 439 -10.89 -23.31 18.63
C LYS C 439 -12.22 -24.05 18.76
N GLU C 440 -13.01 -23.67 19.76
CA GLU C 440 -14.30 -24.25 20.02
C GLU C 440 -15.22 -24.08 18.80
N PHE C 441 -15.23 -22.88 18.24
CA PHE C 441 -16.08 -22.62 17.09
C PHE C 441 -15.64 -23.40 15.85
N THR C 442 -14.34 -23.39 15.54
CA THR C 442 -13.91 -24.07 14.32
C THR C 442 -14.00 -25.60 14.48
N ASP C 443 -13.85 -26.11 15.70
CA ASP C 443 -14.09 -27.53 15.96
C ASP C 443 -15.55 -27.84 15.71
N TYR C 444 -16.43 -26.93 16.15
CA TYR C 444 -17.86 -27.09 15.91
C TYR C 444 -18.17 -27.17 14.42
N LEU C 445 -17.58 -26.27 13.63
CA LEU C 445 -17.77 -26.26 12.18
C LEU C 445 -17.36 -27.59 11.55
N PHE C 446 -16.22 -28.10 11.95
CA PHE C 446 -15.73 -29.35 11.40
C PHE C 446 -16.64 -30.53 11.80
N ASN C 447 -17.12 -30.52 13.04
CA ASN C 447 -18.03 -31.57 13.48
C ASN C 447 -19.35 -31.51 12.75
N LYS C 448 -19.85 -30.32 12.46
CA LYS C 448 -21.03 -30.18 11.62
C LYS C 448 -20.76 -30.78 10.24
N SER C 449 -19.58 -30.49 9.70
CA SER C 449 -19.20 -31.04 8.40
C SER C 449 -19.25 -32.57 8.44
N LEU C 450 -18.63 -33.16 9.45
CA LEU C 450 -18.65 -34.61 9.62
C LEU C 450 -20.06 -35.16 9.74
N GLU C 451 -20.93 -34.43 10.43
CA GLU C 451 -22.31 -34.84 10.62
C GLU C 451 -23.09 -34.89 9.30
N ILE C 452 -22.99 -33.82 8.51
CA ILE C 452 -23.82 -33.70 7.31
C ILE C 452 -23.29 -34.53 6.14
N GLU C 453 -21.99 -34.79 6.13
CA GLU C 453 -21.39 -35.64 5.09
C GLU C 453 -20.31 -36.48 5.75
N PRO C 454 -20.72 -37.60 6.37
CA PRO C 454 -19.81 -38.47 7.12
C PRO C 454 -18.68 -39.02 6.27
N ARG C 455 -17.56 -39.34 6.90
CA ARG C 455 -16.44 -39.97 6.21
C ARG C 455 -16.82 -41.33 5.63
N ASN C 456 -16.28 -41.65 4.46
CA ASN C 456 -16.40 -43.00 3.95
C ASN C 456 -15.83 -43.98 4.97
N PRO C 457 -16.44 -45.17 5.09
CA PRO C 457 -17.54 -45.65 4.26
C PRO C 457 -18.91 -45.45 4.90
N LYS C 458 -19.03 -44.54 5.86
CA LYS C 458 -20.33 -44.29 6.46
C LYS C 458 -21.28 -43.76 5.40
N PRO C 459 -22.54 -44.19 5.46
CA PRO C 459 -23.48 -43.77 4.43
C PRO C 459 -23.99 -42.36 4.66
N LEU C 460 -24.39 -41.71 3.58
CA LEU C 460 -24.86 -40.35 3.64
C LEU C 460 -26.28 -40.27 4.16
N PRO C 461 -26.48 -39.60 5.30
CA PRO C 461 -27.82 -39.43 5.86
C PRO C 461 -28.63 -38.40 5.11
N ARG C 462 -29.91 -38.33 5.42
CA ARG C 462 -30.80 -37.29 4.92
C ARG C 462 -31.17 -36.36 6.08
N PHE C 463 -31.41 -35.10 5.70
CA PHE C 463 -31.76 -34.09 6.69
C PHE C 463 -32.95 -33.27 6.21
N PRO C 464 -33.79 -32.84 7.15
CA PRO C 464 -34.95 -32.02 6.84
C PRO C 464 -34.54 -30.62 6.38
N LYS C 465 -35.38 -29.99 5.57
CA LYS C 465 -35.12 -28.65 5.07
C LYS C 465 -35.33 -27.64 6.20
N LYS C 466 -34.66 -26.50 6.11
CA LYS C 466 -34.76 -25.49 7.16
C LYS C 466 -35.30 -24.17 6.64
N TYR C 467 -35.29 -23.98 5.32
CA TYR C 467 -35.70 -22.70 4.76
C TYR C 467 -37.12 -22.78 4.22
N SER C 468 -37.97 -21.87 4.66
CA SER C 468 -39.38 -21.86 4.24
C SER C 468 -39.63 -20.99 3.00
N TYR C 469 -38.60 -20.27 2.56
CA TYR C 469 -38.75 -19.36 1.43
C TYR C 469 -38.10 -19.99 0.18
N PRO C 470 -38.42 -19.46 -1.03
CA PRO C 470 -37.84 -20.07 -2.23
C PRO C 470 -36.31 -20.01 -2.25
N LEU C 471 -35.67 -21.07 -2.74
CA LEU C 471 -34.21 -21.10 -2.83
C LEU C 471 -33.68 -20.60 -4.16
N LYS C 472 -34.56 -20.39 -5.12
CA LYS C 472 -34.12 -19.97 -6.44
C LYS C 472 -33.48 -18.58 -6.35
N SER C 473 -32.26 -18.47 -6.85
CA SER C 473 -31.55 -17.19 -6.87
C SER C 473 -32.15 -16.21 -7.87
N PRO C 474 -32.19 -14.90 -7.53
CA PRO C 474 -32.57 -13.92 -8.54
C PRO C 474 -31.43 -13.66 -9.56
N GLY C 475 -30.27 -14.26 -9.35
CA GLY C 475 -29.17 -14.13 -10.30
C GLY C 475 -28.35 -12.87 -10.04
N VAL C 476 -27.25 -12.68 -10.77
CA VAL C 476 -26.36 -11.56 -10.48
C VAL C 476 -26.22 -10.55 -11.61
N ARG C 477 -27.17 -10.57 -12.53
CA ARG C 477 -27.29 -9.49 -13.52
C ARG C 477 -28.24 -8.41 -12.99
N PRO C 478 -27.77 -7.16 -12.96
CA PRO C 478 -28.57 -6.07 -12.39
C PRO C 478 -29.77 -5.69 -13.25
N SER C 479 -30.78 -5.15 -12.57
CA SER C 479 -32.04 -4.75 -13.18
C SER C 479 -32.10 -3.23 -13.22
N ASN C 480 -32.92 -2.68 -14.12
CA ASN C 480 -33.01 -1.24 -14.21
C ASN C 480 -34.35 -0.78 -14.74
N PRO C 481 -35.28 -0.46 -13.83
CA PRO C 481 -36.55 0.22 -14.14
C PRO C 481 -36.29 1.67 -14.53
N ARG C 482 -37.29 2.34 -15.10
CA ARG C 482 -37.08 3.70 -15.55
C ARG C 482 -36.89 4.62 -14.34
#